data_8A17
#
_entry.id   8A17
#
_cell.length_a   87.531
_cell.length_b   87.531
_cell.length_c   311.235
_cell.angle_alpha   90.000
_cell.angle_beta   90.000
_cell.angle_gamma   120.000
#
_symmetry.space_group_name_H-M   'P 32 2 1'
#
loop_
_entity.id
_entity.type
_entity.pdbx_description
1 polymer 'Receptor-type tyrosine-protein phosphatase mu'
2 branched beta-D-mannopyranose-(1-4)-2-acetamido-2-deoxy-beta-D-glucopyranose-(1-4)-[alpha-L-fucopyranose-(1-6)]2-acetamido-2-deoxy-beta-D-glucopyranose
3 branched alpha-D-mannopyranose-(1-6)-beta-D-mannopyranose-(1-4)-2-acetamido-2-deoxy-beta-D-glucopyranose-(1-4)-[alpha-L-fucopyranose-(1-6)]2-acetamido-2-deoxy-beta-D-glucopyranose
4 branched 2-acetamido-2-deoxy-beta-D-glucopyranose-(1-4)-[alpha-L-fucopyranose-(1-6)]2-acetamido-2-deoxy-beta-D-glucopyranose
5 non-polymer 2-acetamido-2-deoxy-beta-D-glucopyranose
#
_entity_poly.entity_id   1
_entity_poly.type   'polypeptide(L)'
_entity_poly.pdbx_seq_one_letter_code
;ETGDEDLPGAVPTESIQGSTFEEKIFLQWREPTQTYGVITLYEITYKAVSSFDPEIDLSNQSGRVSKLGNETHFLFFGLY
PGTTYSFTIRASTAKGFGPPATNQFTTKISAPSMPAYELETPLNQTDNTVTVMLKPAHSRGAPVSVYQIVVEEERPRRTK
KTTEILKCYPVPIHFQNASLLNSQYYFAAEFPADSLQAAQPFTIGDNKTYNGYWNTPLLPYKSYRIYFQAASRANGETKI
DCVQVATKGGTKHHHHHH
;
_entity_poly.pdbx_strand_id   A,B,C,D
#
loop_
_chem_comp.id
_chem_comp.type
_chem_comp.name
_chem_comp.formula
BMA D-saccharide, beta linking beta-D-mannopyranose 'C6 H12 O6'
FUC L-saccharide, alpha linking alpha-L-fucopyranose 'C6 H12 O5'
MAN D-saccharide, alpha linking alpha-D-mannopyranose 'C6 H12 O6'
NAG D-saccharide, beta linking 2-acetamido-2-deoxy-beta-D-glucopyranose 'C8 H15 N O6'
#
# COMPACT_ATOMS: atom_id res chain seq x y z
N LEU A 7 -31.64 -39.56 -7.04
CA LEU A 7 -30.83 -38.89 -6.03
C LEU A 7 -29.31 -39.11 -6.20
N PRO A 8 -28.51 -38.10 -5.84
CA PRO A 8 -27.07 -38.13 -6.13
C PRO A 8 -26.30 -38.85 -5.03
N GLY A 9 -25.11 -39.30 -5.40
CA GLY A 9 -24.20 -39.82 -4.40
C GLY A 9 -23.74 -38.70 -3.46
N ALA A 10 -22.87 -39.08 -2.54
CA ALA A 10 -22.27 -38.11 -1.66
C ALA A 10 -20.99 -37.56 -2.28
N VAL A 11 -20.60 -36.37 -1.82
CA VAL A 11 -19.27 -35.84 -2.15
C VAL A 11 -18.22 -36.76 -1.56
N PRO A 12 -17.17 -37.13 -2.30
CA PRO A 12 -16.13 -37.99 -1.74
C PRO A 12 -15.46 -37.31 -0.55
N THR A 13 -15.58 -37.94 0.63
CA THR A 13 -15.17 -37.33 1.90
C THR A 13 -13.74 -36.81 1.82
N GLU A 14 -12.85 -37.61 1.22
CA GLU A 14 -11.44 -37.27 1.10
C GLU A 14 -11.15 -36.09 0.17
N SER A 15 -12.10 -35.67 -0.67
CA SER A 15 -11.86 -34.48 -1.49
C SER A 15 -12.04 -33.18 -0.72
N ILE A 16 -12.79 -33.20 0.39
CA ILE A 16 -13.07 -31.98 1.13
C ILE A 16 -11.79 -31.44 1.78
N GLN A 17 -11.46 -30.19 1.49
CA GLN A 17 -10.27 -29.56 2.03
C GLN A 17 -10.61 -28.14 2.42
N GLY A 18 -9.91 -27.63 3.41
CA GLY A 18 -10.17 -26.27 3.75
C GLY A 18 -8.92 -25.47 3.99
N SER A 19 -8.90 -24.28 3.43
CA SER A 19 -7.88 -23.30 3.73
C SER A 19 -8.45 -22.29 4.72
N THR A 20 -7.83 -22.20 5.88
CA THR A 20 -8.40 -21.62 7.09
C THR A 20 -7.68 -20.35 7.51
N PHE A 21 -8.44 -19.45 8.14
CA PHE A 21 -7.99 -18.13 8.56
C PHE A 21 -8.44 -17.86 9.99
N GLU A 22 -8.34 -16.62 10.44
CA GLU A 22 -8.76 -16.33 11.81
C GLU A 22 -10.27 -16.49 11.96
N GLU A 23 -11.03 -15.85 11.07
CA GLU A 23 -12.49 -15.79 11.10
C GLU A 23 -13.17 -16.38 9.88
N LYS A 24 -12.46 -17.10 9.03
CA LYS A 24 -13.02 -17.60 7.78
C LYS A 24 -12.43 -18.96 7.51
N ILE A 25 -13.16 -19.78 6.78
CA ILE A 25 -12.56 -21.00 6.27
C ILE A 25 -13.04 -21.11 4.84
N PHE A 26 -12.13 -21.16 3.91
CA PHE A 26 -12.52 -21.43 2.53
C PHE A 26 -12.56 -22.94 2.35
N LEU A 27 -13.77 -23.49 2.21
CA LEU A 27 -13.97 -24.92 2.08
C LEU A 27 -14.17 -25.28 0.62
N GLN A 28 -13.55 -26.38 0.21
CA GLN A 28 -13.49 -26.74 -1.19
C GLN A 28 -13.65 -28.24 -1.30
N TRP A 29 -14.32 -28.72 -2.34
CA TRP A 29 -14.54 -30.16 -2.53
C TRP A 29 -14.65 -30.45 -4.03
N ARG A 30 -14.95 -31.71 -4.36
CA ARG A 30 -15.15 -32.14 -5.74
C ARG A 30 -16.52 -32.79 -5.81
N GLU A 31 -17.13 -32.74 -6.99
CA GLU A 31 -18.48 -33.22 -7.13
C GLU A 31 -18.56 -34.73 -6.89
N PRO A 32 -19.76 -35.25 -6.56
CA PRO A 32 -19.95 -36.70 -6.33
C PRO A 32 -19.49 -37.56 -7.50
N THR A 33 -19.14 -38.82 -7.18
CA THR A 33 -18.32 -39.64 -8.08
C THR A 33 -18.96 -39.87 -9.45
N GLN A 34 -20.29 -40.06 -9.51
CA GLN A 34 -21.00 -40.14 -10.80
C GLN A 34 -22.37 -39.51 -10.71
N THR A 35 -22.78 -38.88 -11.81
CA THR A 35 -24.01 -38.10 -11.82
C THR A 35 -25.20 -39.04 -11.99
N TYR A 36 -26.06 -39.08 -10.97
CA TYR A 36 -27.39 -39.61 -11.18
C TYR A 36 -28.22 -38.60 -11.96
N GLY A 37 -28.20 -37.34 -11.51
CA GLY A 37 -28.81 -36.23 -12.20
C GLY A 37 -28.10 -34.97 -11.75
N VAL A 38 -28.40 -33.88 -12.45
CA VAL A 38 -27.72 -32.61 -12.20
C VAL A 38 -27.81 -32.20 -10.73
N ILE A 39 -26.70 -31.67 -10.20
CA ILE A 39 -26.73 -31.14 -8.85
C ILE A 39 -27.22 -29.72 -8.93
N THR A 40 -28.09 -29.36 -8.00
CA THR A 40 -28.74 -28.06 -7.98
C THR A 40 -28.25 -27.20 -6.83
N LEU A 41 -27.90 -27.83 -5.71
CA LEU A 41 -27.28 -27.15 -4.58
C LEU A 41 -26.56 -28.19 -3.74
N TYR A 42 -25.66 -27.72 -2.89
CA TYR A 42 -25.09 -28.49 -1.81
C TYR A 42 -25.58 -27.85 -0.52
N GLU A 43 -25.93 -28.66 0.45
CA GLU A 43 -26.37 -28.16 1.74
C GLU A 43 -25.30 -28.52 2.76
N ILE A 44 -24.85 -27.53 3.53
CA ILE A 44 -23.71 -27.74 4.43
C ILE A 44 -24.08 -27.29 5.83
N THR A 45 -23.84 -28.18 6.79
CA THR A 45 -23.88 -27.83 8.20
C THR A 45 -22.45 -27.74 8.72
N TYR A 46 -22.18 -26.66 9.44
CA TYR A 46 -20.96 -26.49 10.21
C TYR A 46 -21.32 -26.47 11.69
N LYS A 47 -20.57 -27.21 12.48
CA LYS A 47 -20.89 -27.36 13.89
C LYS A 47 -19.58 -27.10 14.63
N ALA A 48 -19.62 -26.18 15.59
CA ALA A 48 -18.42 -25.84 16.35
C ALA A 48 -18.06 -27.04 17.21
N VAL A 49 -16.88 -27.60 17.03
CA VAL A 49 -16.52 -28.85 17.72
C VAL A 49 -15.83 -28.54 19.03
N SER A 50 -14.74 -27.79 18.96
CA SER A 50 -13.93 -27.52 20.13
C SER A 50 -13.13 -26.26 19.84
N SER A 51 -12.58 -25.66 20.90
CA SER A 51 -11.78 -24.45 20.76
C SER A 51 -10.69 -24.36 21.83
N PHE A 52 -9.60 -23.67 21.47
CA PHE A 52 -8.57 -23.31 22.44
C PHE A 52 -8.95 -22.11 23.30
N ASP A 53 -9.99 -21.42 22.96
CA ASP A 53 -10.43 -20.29 23.75
C ASP A 53 -11.19 -20.80 24.97
N PRO A 54 -10.81 -20.37 26.17
CA PRO A 54 -11.56 -20.81 27.34
C PRO A 54 -12.86 -20.06 27.53
N GLU A 55 -13.06 -18.93 26.86
CA GLU A 55 -14.14 -18.03 27.24
C GLU A 55 -15.44 -18.15 26.44
N ILE A 56 -15.53 -18.92 25.35
CA ILE A 56 -16.74 -18.87 24.51
C ILE A 56 -17.53 -20.15 24.66
N ASP A 57 -18.87 -19.99 24.65
CA ASP A 57 -19.82 -21.09 24.56
C ASP A 57 -20.04 -21.36 23.09
N LEU A 58 -19.70 -22.58 22.66
CA LEU A 58 -19.77 -22.96 21.26
C LEU A 58 -21.18 -23.37 20.81
N SER A 59 -22.13 -23.54 21.74
CA SER A 59 -23.41 -24.12 21.36
C SER A 59 -24.11 -23.23 20.33
N ASN A 60 -23.95 -21.92 20.45
CA ASN A 60 -24.57 -20.99 19.50
C ASN A 60 -23.74 -20.77 18.23
N GLN A 61 -22.52 -21.34 18.13
CA GLN A 61 -21.61 -21.05 17.01
C GLN A 61 -21.84 -21.90 15.76
N SER A 62 -22.69 -22.91 15.83
CA SER A 62 -23.05 -23.75 14.69
C SER A 62 -23.99 -23.02 13.74
N GLY A 63 -24.13 -23.57 12.53
CA GLY A 63 -25.04 -23.01 11.53
C GLY A 63 -25.15 -23.88 10.29
N ARG A 64 -26.00 -23.43 9.36
CA ARG A 64 -26.23 -24.15 8.11
C ARG A 64 -25.96 -23.27 6.91
N VAL A 65 -25.48 -23.88 5.85
CA VAL A 65 -25.36 -23.20 4.56
C VAL A 65 -26.06 -24.07 3.51
N SER A 66 -27.03 -23.47 2.81
CA SER A 66 -27.58 -24.06 1.59
C SER A 66 -26.87 -23.33 0.46
N LYS A 67 -25.86 -23.99 -0.06
CA LYS A 67 -25.03 -23.43 -1.12
C LYS A 67 -25.78 -23.78 -2.39
N LEU A 68 -26.53 -22.80 -2.91
CA LEU A 68 -27.22 -23.00 -4.15
C LEU A 68 -26.24 -23.14 -5.29
N GLY A 69 -26.61 -23.96 -6.25
CA GLY A 69 -25.71 -24.19 -7.35
C GLY A 69 -24.71 -25.27 -7.05
N ASN A 70 -24.09 -25.76 -8.13
CA ASN A 70 -23.28 -26.95 -8.09
C ASN A 70 -21.81 -26.63 -8.27
N GLU A 71 -21.41 -25.42 -7.90
CA GLU A 71 -20.00 -25.10 -7.89
C GLU A 71 -19.47 -25.58 -6.55
N THR A 72 -18.30 -26.21 -6.56
CA THR A 72 -17.86 -27.04 -5.45
C THR A 72 -16.96 -26.33 -4.45
N HIS A 73 -17.36 -25.15 -3.95
CA HIS A 73 -16.62 -24.52 -2.86
C HIS A 73 -17.46 -23.50 -2.11
N PHE A 74 -17.04 -23.19 -0.89
CA PHE A 74 -17.71 -22.11 -0.19
C PHE A 74 -16.79 -21.39 0.81
N LEU A 75 -16.89 -20.06 0.87
CA LEU A 75 -16.11 -19.30 1.84
C LEU A 75 -16.95 -19.08 3.08
N PHE A 76 -16.63 -19.83 4.12
CA PHE A 76 -17.27 -19.67 5.40
C PHE A 76 -16.72 -18.45 6.09
N PHE A 77 -17.60 -17.71 6.74
CA PHE A 77 -17.46 -16.32 7.15
C PHE A 77 -17.80 -16.17 8.64
N GLY A 78 -17.32 -15.12 9.26
CA GLY A 78 -17.79 -14.84 10.61
C GLY A 78 -17.51 -15.91 11.65
N LEU A 79 -16.59 -16.84 11.38
CA LEU A 79 -16.29 -17.88 12.34
C LEU A 79 -15.54 -17.31 13.53
N TYR A 80 -15.38 -18.14 14.53
CA TYR A 80 -14.67 -17.74 15.73
C TYR A 80 -13.27 -18.34 15.69
N PRO A 81 -12.24 -17.58 16.07
CA PRO A 81 -10.85 -18.04 15.89
C PRO A 81 -10.49 -19.23 16.77
N GLY A 82 -9.36 -19.82 16.44
CA GLY A 82 -8.81 -20.93 17.20
C GLY A 82 -9.76 -22.09 17.37
N THR A 83 -10.68 -22.28 16.44
CA THR A 83 -11.79 -23.18 16.67
C THR A 83 -11.95 -24.17 15.53
N THR A 84 -12.24 -25.42 15.90
CA THR A 84 -12.43 -26.50 14.96
C THR A 84 -13.91 -26.64 14.65
N TYR A 85 -14.23 -26.53 13.36
CA TYR A 85 -15.57 -26.63 12.87
C TYR A 85 -15.67 -27.90 12.05
N SER A 86 -16.69 -28.71 12.32
CA SER A 86 -16.99 -29.89 11.51
C SER A 86 -18.05 -29.57 10.46
N PHE A 87 -17.72 -29.86 9.20
CA PHE A 87 -18.58 -29.58 8.06
C PHE A 87 -19.23 -30.85 7.53
N THR A 88 -20.52 -30.81 7.26
CA THR A 88 -21.22 -31.94 6.67
C THR A 88 -21.82 -31.46 5.36
N ILE A 89 -21.44 -32.09 4.25
CA ILE A 89 -21.86 -31.63 2.94
C ILE A 89 -22.80 -32.68 2.40
N ARG A 90 -23.97 -32.22 1.94
CA ARG A 90 -24.90 -33.05 1.20
C ARG A 90 -25.04 -32.50 -0.21
N ALA A 91 -25.09 -33.41 -1.18
CA ALA A 91 -25.38 -33.06 -2.56
C ALA A 91 -26.86 -33.25 -2.81
N SER A 92 -27.41 -32.48 -3.75
CA SER A 92 -28.84 -32.54 -4.05
C SER A 92 -29.06 -32.58 -5.55
N THR A 93 -29.59 -33.70 -6.03
CA THR A 93 -30.34 -33.65 -7.26
C THR A 93 -31.64 -32.90 -6.99
N ALA A 94 -32.28 -32.44 -8.06
CA ALA A 94 -33.50 -31.70 -7.85
C ALA A 94 -34.51 -32.53 -7.07
N LYS A 95 -34.41 -33.86 -7.15
CA LYS A 95 -35.33 -34.75 -6.44
C LYS A 95 -34.89 -35.10 -5.03
N GLY A 96 -33.75 -34.62 -4.56
CA GLY A 96 -33.45 -34.81 -3.16
C GLY A 96 -31.96 -34.90 -2.94
N PHE A 97 -31.60 -34.96 -1.66
CA PHE A 97 -30.21 -34.95 -1.23
C PHE A 97 -29.58 -36.33 -1.37
N GLY A 98 -28.32 -36.34 -1.68
CA GLY A 98 -27.55 -37.54 -1.50
C GLY A 98 -27.08 -37.65 -0.06
N PRO A 99 -26.35 -38.73 0.22
CA PRO A 99 -25.91 -38.97 1.58
C PRO A 99 -24.89 -37.93 1.98
N PRO A 100 -24.75 -37.67 3.27
CA PRO A 100 -23.74 -36.70 3.72
C PRO A 100 -22.34 -37.29 3.68
N ALA A 101 -21.37 -36.41 3.55
CA ALA A 101 -19.98 -36.71 3.88
C ALA A 101 -19.51 -35.58 4.77
N THR A 102 -18.52 -35.88 5.61
CA THR A 102 -18.19 -34.90 6.62
C THR A 102 -16.71 -34.97 6.98
N ASN A 103 -16.17 -33.80 7.32
CA ASN A 103 -14.78 -33.51 7.68
C ASN A 103 -14.72 -32.26 8.56
N GLN A 104 -13.54 -32.01 9.16
CA GLN A 104 -13.41 -30.88 10.07
C GLN A 104 -12.07 -30.16 9.91
N PHE A 105 -12.10 -28.85 10.16
CA PHE A 105 -10.98 -27.94 9.99
C PHE A 105 -11.04 -26.88 11.09
N THR A 106 -9.92 -26.18 11.31
CA THR A 106 -9.79 -25.29 12.44
C THR A 106 -9.36 -23.89 12.00
N THR A 107 -10.06 -22.87 12.50
CA THR A 107 -9.60 -21.50 12.28
C THR A 107 -8.31 -21.22 13.06
N LYS A 108 -7.46 -20.41 12.44
CA LYS A 108 -6.25 -19.97 13.12
C LYS A 108 -6.63 -19.02 14.26
N ILE A 109 -5.78 -18.99 15.30
CA ILE A 109 -5.97 -18.09 16.45
C ILE A 109 -5.74 -16.65 16.05
N SER A 110 -6.17 -15.74 16.89
CA SER A 110 -5.89 -14.33 16.71
C SER A 110 -5.28 -13.76 18.00
N ALA A 111 -4.72 -12.56 17.87
CA ALA A 111 -4.15 -11.87 19.01
C ALA A 111 -5.22 -11.61 20.06
N PRO A 112 -4.86 -11.65 21.34
CA PRO A 112 -5.84 -11.29 22.37
C PRO A 112 -6.26 -9.82 22.23
N SER A 113 -7.48 -9.53 22.69
CA SER A 113 -8.03 -8.19 22.64
C SER A 113 -7.69 -7.48 23.95
N MET A 114 -6.97 -6.37 23.87
CA MET A 114 -6.52 -5.69 25.08
C MET A 114 -7.64 -4.91 25.74
N PRO A 115 -7.50 -4.56 27.03
CA PRO A 115 -8.43 -3.62 27.63
C PRO A 115 -8.36 -2.23 26.97
N ALA A 116 -9.43 -1.47 27.15
CA ALA A 116 -9.49 -0.12 26.62
C ALA A 116 -8.76 0.84 27.55
N TYR A 117 -7.93 1.69 26.98
CA TYR A 117 -7.19 2.71 27.71
C TYR A 117 -7.35 4.05 27.02
N GLU A 118 -7.33 5.10 27.82
CA GLU A 118 -7.58 6.43 27.32
C GLU A 118 -6.45 7.40 27.69
N LEU A 119 -5.28 6.89 28.03
CA LEU A 119 -4.22 7.74 28.55
C LEU A 119 -4.72 8.62 29.71
N GLU A 120 -5.47 8.00 30.62
CA GLU A 120 -5.79 8.61 31.91
C GLU A 120 -4.50 8.93 32.66
N THR A 121 -4.52 10.01 33.45
CA THR A 121 -3.35 10.33 34.26
C THR A 121 -3.06 9.16 35.19
N PRO A 122 -1.80 8.75 35.34
CA PRO A 122 -1.48 7.53 36.10
C PRO A 122 -1.84 7.63 37.58
N LEU A 123 -1.77 6.47 38.25
CA LEU A 123 -2.17 6.37 39.66
C LEU A 123 -1.17 7.11 40.56
N ASN A 124 0.14 6.98 40.31
CA ASN A 124 1.09 7.94 40.83
C ASN A 124 2.25 8.01 39.87
N GLN A 125 3.05 9.07 40.01
CA GLN A 125 4.19 9.29 39.14
C GLN A 125 5.25 10.00 39.96
N THR A 126 6.51 9.65 39.71
CA THR A 126 7.66 10.21 40.40
C THR A 126 8.68 10.60 39.36
N ASP A 127 9.83 11.08 39.84
CA ASP A 127 10.98 11.32 38.95
C ASP A 127 11.40 10.04 38.23
N ASN A 128 11.32 8.88 38.90
CA ASN A 128 11.86 7.64 38.37
C ASN A 128 10.84 6.58 38.03
N THR A 129 9.56 6.77 38.37
CA THR A 129 8.58 5.70 38.25
C THR A 129 7.22 6.23 37.79
N VAL A 130 6.44 5.32 37.21
CA VAL A 130 5.05 5.58 36.87
C VAL A 130 4.26 4.34 37.26
N THR A 131 3.11 4.54 37.86
CA THR A 131 2.28 3.43 38.26
C THR A 131 0.94 3.55 37.58
N VAL A 132 0.52 2.46 36.96
CA VAL A 132 -0.69 2.44 36.16
C VAL A 132 -1.53 1.25 36.59
N MET A 133 -2.84 1.35 36.35
CA MET A 133 -3.77 0.26 36.64
C MET A 133 -3.87 -0.64 35.41
N LEU A 134 -3.35 -1.86 35.51
CA LEU A 134 -3.52 -2.84 34.45
C LEU A 134 -4.76 -3.68 34.65
N LYS A 135 -5.34 -4.09 33.53
CA LYS A 135 -6.52 -4.95 33.56
C LYS A 135 -6.27 -6.12 32.61
N PRO A 136 -6.82 -7.29 32.92
CA PRO A 136 -6.56 -8.48 32.08
C PRO A 136 -7.16 -8.32 30.70
N ALA A 137 -6.41 -8.80 29.71
CA ALA A 137 -6.92 -8.92 28.35
C ALA A 137 -7.78 -10.18 28.21
N HIS A 138 -8.61 -10.19 27.18
CA HIS A 138 -9.50 -11.32 26.92
C HIS A 138 -8.97 -12.19 25.80
N SER A 139 -9.08 -13.48 26.02
CA SER A 139 -8.69 -14.43 24.99
C SER A 139 -9.63 -14.32 23.81
N ARG A 140 -9.07 -14.39 22.60
CA ARG A 140 -9.87 -14.51 21.40
C ARG A 140 -9.24 -15.56 20.49
N GLY A 141 -9.52 -16.83 20.81
CA GLY A 141 -9.13 -18.00 20.02
C GLY A 141 -8.15 -18.92 20.73
N ALA A 142 -7.36 -18.39 21.67
CA ALA A 142 -6.37 -19.14 22.43
C ALA A 142 -6.18 -18.43 23.75
N PRO A 143 -5.71 -19.13 24.77
CA PRO A 143 -5.48 -18.45 26.05
C PRO A 143 -4.40 -17.38 25.93
N VAL A 144 -4.52 -16.34 26.75
CA VAL A 144 -3.41 -15.43 26.95
C VAL A 144 -2.31 -16.19 27.66
N SER A 145 -1.10 -16.19 27.09
CA SER A 145 0.03 -16.93 27.67
C SER A 145 0.87 -16.05 28.61
N VAL A 146 1.35 -14.91 28.11
CA VAL A 146 2.12 -13.96 28.91
C VAL A 146 1.72 -12.54 28.58
N TYR A 147 1.89 -11.67 29.57
CA TYR A 147 1.84 -10.23 29.37
C TYR A 147 3.26 -9.69 29.31
N GLN A 148 3.44 -8.59 28.59
CA GLN A 148 4.72 -7.93 28.43
C GLN A 148 4.49 -6.44 28.53
N ILE A 149 5.46 -5.73 29.07
CA ILE A 149 5.33 -4.29 29.25
C ILE A 149 6.46 -3.62 28.50
N VAL A 150 6.10 -2.71 27.61
CA VAL A 150 7.08 -2.09 26.74
C VAL A 150 7.24 -0.66 27.17
N VAL A 151 8.48 -0.27 27.43
CA VAL A 151 8.85 1.10 27.73
C VAL A 151 9.67 1.58 26.53
N GLU A 152 9.25 2.71 25.93
CA GLU A 152 9.84 3.18 24.67
C GLU A 152 10.28 4.63 24.81
N GLU A 153 11.53 4.94 24.39
CA GLU A 153 11.99 6.34 24.39
C GLU A 153 11.47 7.13 23.21
N GLU A 154 11.11 8.40 23.46
CA GLU A 154 10.81 9.35 22.38
C GLU A 154 12.04 10.12 21.92
N ARG A 155 12.44 9.88 20.67
CA ARG A 155 13.36 10.78 19.97
C ARG A 155 12.67 12.10 19.64
N PRO A 156 13.43 13.18 19.54
CA PRO A 156 12.84 14.43 19.04
C PRO A 156 12.39 14.26 17.59
N ARG A 157 11.21 14.84 17.29
CA ARG A 157 10.56 14.72 16.00
C ARG A 157 10.23 16.10 15.49
N ARG A 158 10.30 16.26 14.17
CA ARG A 158 9.88 17.49 13.49
C ARG A 158 8.62 17.35 12.64
N THR A 159 7.94 16.20 12.70
CA THR A 159 6.73 15.94 11.94
C THR A 159 5.89 14.92 12.68
N LYS A 160 4.57 15.09 12.60
CA LYS A 160 3.66 14.09 13.12
C LYS A 160 3.66 12.82 12.28
N LYS A 161 3.71 12.99 10.96
CA LYS A 161 3.46 11.93 9.99
C LYS A 161 4.34 10.69 10.19
N THR A 162 3.80 9.52 9.82
CA THR A 162 4.57 8.29 9.90
C THR A 162 4.88 7.82 8.49
N THR A 163 5.99 7.09 8.34
CA THR A 163 6.30 6.44 7.08
C THR A 163 5.44 5.21 6.87
N GLU A 164 5.02 4.54 7.96
CA GLU A 164 4.31 3.27 7.91
C GLU A 164 3.30 3.15 9.05
N ILE A 165 2.52 2.05 9.00
CA ILE A 165 1.55 1.68 10.03
C ILE A 165 2.22 1.50 11.40
N LEU A 166 1.46 1.82 12.45
CA LEU A 166 1.90 1.57 13.81
C LEU A 166 1.74 0.09 14.13
N LYS A 167 2.77 -0.51 14.74
CA LYS A 167 2.86 -1.95 14.99
C LYS A 167 3.33 -2.26 16.40
N CYS A 168 3.01 -3.47 16.86
CA CYS A 168 3.43 -3.91 18.19
C CYS A 168 4.85 -4.47 18.17
N TYR A 169 5.20 -5.15 19.27
CA TYR A 169 6.57 -5.48 19.63
C TYR A 169 6.75 -7.00 19.79
N PRO A 170 7.01 -7.72 18.71
CA PRO A 170 7.21 -9.16 18.81
C PRO A 170 8.59 -9.58 19.26
N VAL A 171 9.58 -8.70 19.14
CA VAL A 171 10.97 -8.97 19.50
C VAL A 171 11.24 -8.45 20.91
N PRO A 172 11.39 -9.30 21.90
CA PRO A 172 11.73 -8.83 23.24
C PRO A 172 13.19 -8.37 23.37
N ILE A 173 13.40 -7.38 24.23
CA ILE A 173 14.74 -6.85 24.48
C ILE A 173 14.89 -6.50 25.96
N HIS A 174 15.92 -7.08 26.63
CA HIS A 174 16.22 -6.70 28.01
C HIS A 174 16.90 -5.35 28.03
N PHE A 175 16.67 -4.62 29.13
CA PHE A 175 17.14 -3.23 29.21
C PHE A 175 18.64 -3.15 28.95
N GLN A 176 19.41 -4.04 29.56
CA GLN A 176 20.86 -3.98 29.49
C GLN A 176 21.39 -4.17 28.06
N ASN A 177 20.58 -4.68 27.16
CA ASN A 177 21.03 -4.88 25.80
C ASN A 177 20.55 -3.77 24.84
N ALA A 178 19.65 -2.88 25.27
CA ALA A 178 19.15 -1.87 24.35
C ALA A 178 20.26 -0.93 23.89
N SER A 179 21.10 -0.49 24.83
CA SER A 179 22.17 0.43 24.48
C SER A 179 23.16 -0.22 23.52
N LEU A 180 23.42 -1.50 23.70
CA LEU A 180 24.31 -2.17 22.77
C LEU A 180 23.68 -2.34 21.40
N LEU A 181 22.37 -2.69 21.34
CA LEU A 181 21.66 -2.98 20.10
C LEU A 181 20.98 -1.80 19.45
N ASN A 182 20.98 -0.62 20.10
CA ASN A 182 20.33 0.58 19.57
C ASN A 182 18.82 0.38 19.28
N SER A 183 18.15 -0.39 20.14
CA SER A 183 16.71 -0.51 20.08
C SER A 183 16.10 0.70 20.77
N GLN A 184 14.93 1.17 20.24
CA GLN A 184 14.19 2.31 20.78
C GLN A 184 13.42 2.01 22.08
N TYR A 185 13.30 0.74 22.48
CA TYR A 185 12.44 0.30 23.58
C TYR A 185 13.14 -0.82 24.32
N TYR A 186 12.61 -1.12 25.51
CA TYR A 186 13.01 -2.32 26.23
C TYR A 186 11.75 -2.86 26.88
N PHE A 187 11.79 -4.15 27.15
CA PHE A 187 10.73 -4.85 27.87
C PHE A 187 11.02 -4.71 29.36
N ALA A 188 10.14 -4.00 30.08
CA ALA A 188 10.35 -3.85 31.51
C ALA A 188 9.88 -5.07 32.29
N ALA A 189 8.92 -5.84 31.80
CA ALA A 189 8.49 -6.98 32.60
C ALA A 189 7.74 -7.97 31.73
N GLU A 190 7.65 -9.20 32.22
CA GLU A 190 6.79 -10.23 31.64
C GLU A 190 6.14 -11.02 32.77
N PHE A 191 4.86 -11.34 32.61
CA PHE A 191 4.16 -12.12 33.60
C PHE A 191 3.61 -13.36 32.93
N PRO A 192 3.54 -14.46 33.67
CA PRO A 192 2.64 -15.52 33.26
C PRO A 192 1.25 -14.96 33.44
N ALA A 193 0.34 -15.33 32.54
CA ALA A 193 -0.98 -14.71 32.55
C ALA A 193 -1.85 -15.14 33.72
N ASP A 194 -1.39 -16.03 34.62
CA ASP A 194 -2.13 -16.29 35.87
C ASP A 194 -1.97 -15.15 36.87
N SER A 195 -0.91 -14.35 36.78
CA SER A 195 -0.92 -13.03 37.34
C SER A 195 -1.84 -12.13 36.50
N LEU A 196 -2.31 -11.04 37.10
CA LEU A 196 -3.22 -10.13 36.41
C LEU A 196 -4.47 -10.85 35.91
N GLN A 197 -5.12 -11.60 36.80
CA GLN A 197 -6.45 -12.08 36.50
C GLN A 197 -7.52 -11.07 36.90
N ALA A 198 -7.15 -9.98 37.55
CA ALA A 198 -8.09 -8.92 37.88
C ALA A 198 -7.33 -7.60 37.89
N ALA A 199 -8.07 -6.48 37.79
CA ALA A 199 -7.44 -5.16 37.69
C ALA A 199 -6.67 -4.83 38.97
N GLN A 200 -5.37 -4.60 38.81
CA GLN A 200 -4.44 -4.27 39.88
C GLN A 200 -3.34 -3.38 39.31
N PRO A 201 -2.82 -2.43 40.10
CA PRO A 201 -1.79 -1.51 39.62
C PRO A 201 -0.44 -2.17 39.41
N PHE A 202 0.37 -1.51 38.57
CA PHE A 202 1.73 -1.94 38.36
C PHE A 202 2.66 -0.73 38.33
N THR A 203 3.85 -0.89 38.85
CA THR A 203 4.78 0.23 39.01
C THR A 203 5.91 0.08 37.99
N ILE A 204 5.90 0.92 36.96
CA ILE A 204 7.04 0.97 36.05
C ILE A 204 8.24 1.51 36.81
N GLY A 205 9.36 0.81 36.70
CA GLY A 205 10.59 1.22 37.33
C GLY A 205 10.76 0.81 38.78
N ASP A 206 9.96 -0.15 39.28
CA ASP A 206 10.03 -0.57 40.69
C ASP A 206 11.29 -1.36 40.98
N ASN A 207 12.13 -1.53 39.97
CA ASN A 207 13.43 -2.14 40.07
C ASN A 207 13.43 -3.63 40.35
N LYS A 208 12.28 -4.26 40.56
CA LYS A 208 12.28 -5.71 40.73
C LYS A 208 12.25 -6.39 39.35
N THR A 209 12.62 -7.66 39.32
CA THR A 209 12.73 -8.40 38.06
C THR A 209 11.60 -9.39 37.86
N TYR A 210 10.96 -9.30 36.70
CA TYR A 210 9.84 -10.16 36.36
C TYR A 210 10.25 -11.02 35.17
N ASN A 211 10.27 -12.34 35.39
CA ASN A 211 10.61 -13.33 34.37
C ASN A 211 11.91 -13.02 33.61
N GLY A 212 12.90 -12.44 34.30
CA GLY A 212 14.16 -12.11 33.66
C GLY A 212 14.27 -10.72 33.11
N TYR A 213 13.21 -9.95 33.13
CA TYR A 213 13.25 -8.56 32.70
C TYR A 213 13.36 -7.68 33.91
N TRP A 214 14.33 -6.78 33.88
CA TRP A 214 14.68 -6.09 35.11
C TRP A 214 13.76 -4.95 35.54
N ASN A 215 13.00 -4.33 34.66
CA ASN A 215 12.12 -3.18 35.03
C ASN A 215 12.93 -2.01 35.61
N THR A 216 13.83 -1.54 34.78
CA THR A 216 14.75 -0.48 35.12
C THR A 216 13.97 0.78 35.48
N PRO A 217 14.35 1.46 36.54
CA PRO A 217 13.76 2.77 36.83
C PRO A 217 14.04 3.73 35.69
N LEU A 218 13.14 4.70 35.54
CA LEU A 218 13.18 5.63 34.43
C LEU A 218 14.07 6.81 34.75
N LEU A 219 14.62 7.38 33.72
CA LEU A 219 15.42 8.60 33.89
C LEU A 219 14.52 9.83 33.76
N PRO A 220 14.56 10.73 34.74
CA PRO A 220 13.63 11.87 34.72
C PRO A 220 13.84 12.86 33.59
N TYR A 221 15.03 12.93 32.99
CA TYR A 221 15.25 13.84 31.87
C TYR A 221 14.87 13.23 30.52
N LYS A 222 14.43 11.97 30.49
CA LYS A 222 14.01 11.25 29.29
C LYS A 222 12.49 11.24 29.19
N SER A 223 11.98 11.42 27.95
CA SER A 223 10.56 11.24 27.68
C SER A 223 10.25 9.80 27.31
N TYR A 224 9.19 9.26 27.90
CA TYR A 224 8.85 7.86 27.71
C TYR A 224 7.36 7.69 27.44
N ARG A 225 7.04 6.63 26.71
CA ARG A 225 5.68 6.10 26.59
C ARG A 225 5.66 4.58 26.77
N ILE A 226 4.60 4.09 27.40
CA ILE A 226 4.54 2.73 27.90
C ILE A 226 3.37 2.00 27.26
N TYR A 227 3.63 0.78 26.78
CA TYR A 227 2.60 -0.04 26.16
C TYR A 227 2.45 -1.32 26.95
N PHE A 228 1.24 -1.77 27.05
CA PHE A 228 0.88 -3.04 27.65
C PHE A 228 0.50 -4.02 26.55
N GLN A 229 1.16 -5.16 26.52
CA GLN A 229 1.07 -6.10 25.41
C GLN A 229 0.78 -7.48 25.96
N ALA A 230 0.09 -8.29 25.15
CA ALA A 230 -0.27 -9.65 25.53
C ALA A 230 -0.11 -10.56 24.31
N ALA A 231 0.15 -11.85 24.58
CA ALA A 231 0.42 -12.84 23.53
C ALA A 231 -0.37 -14.11 23.75
N SER A 232 -0.72 -14.77 22.65
CA SER A 232 -1.38 -16.07 22.68
C SER A 232 -0.67 -17.06 21.76
N ARG A 233 -0.64 -18.33 22.19
CA ARG A 233 0.18 -19.36 21.58
C ARG A 233 -0.62 -20.62 21.26
N ALA A 234 -0.43 -21.15 20.05
CA ALA A 234 -0.86 -22.49 19.64
C ALA A 234 -0.24 -22.83 18.28
N ASN A 235 0.02 -24.13 18.06
CA ASN A 235 0.46 -24.71 16.76
C ASN A 235 1.69 -24.01 16.13
N GLY A 236 2.56 -23.41 16.95
CA GLY A 236 3.71 -22.65 16.46
C GLY A 236 3.44 -21.25 15.95
N GLU A 237 2.16 -20.88 15.74
CA GLU A 237 1.76 -19.48 15.61
C GLU A 237 1.55 -18.88 16.99
N THR A 238 2.09 -17.69 17.18
CA THR A 238 1.99 -16.97 18.43
C THR A 238 1.68 -15.52 18.10
N LYS A 239 0.62 -14.95 18.67
CA LYS A 239 0.13 -13.66 18.19
C LYS A 239 -0.04 -12.69 19.35
N ILE A 240 0.24 -11.40 19.08
CA ILE A 240 0.32 -10.39 20.13
C ILE A 240 -0.47 -9.16 19.71
N ASP A 241 -0.86 -8.39 20.73
CA ASP A 241 -1.37 -7.04 20.55
C ASP A 241 -0.89 -6.21 21.73
N CYS A 242 -0.96 -4.89 21.59
CA CYS A 242 -0.43 -3.97 22.59
C CYS A 242 -1.24 -2.67 22.55
N VAL A 243 -1.29 -1.99 23.70
CA VAL A 243 -2.02 -0.73 23.84
C VAL A 243 -1.24 0.22 24.75
N GLN A 244 -1.18 1.50 24.37
CA GLN A 244 -0.45 2.48 25.17
C GLN A 244 -1.24 2.88 26.41
N VAL A 245 -0.59 2.77 27.56
CA VAL A 245 -1.24 3.01 28.83
C VAL A 245 -0.81 4.33 29.50
N ALA A 246 0.36 4.88 29.18
CA ALA A 246 0.80 6.09 29.86
C ALA A 246 1.92 6.77 29.08
N THR A 247 2.24 8.01 29.48
CA THR A 247 3.38 8.76 28.96
C THR A 247 4.09 9.39 30.15
N LYS A 248 5.40 9.64 30.04
CA LYS A 248 6.16 10.36 31.06
C LYS A 248 7.22 11.26 30.44
N GLY A 249 7.41 12.45 31.02
CA GLY A 249 8.43 13.38 30.53
C GLY A 249 8.96 14.26 31.66
N GLY A 250 10.15 14.82 31.45
CA GLY A 250 10.72 15.70 32.46
C GLY A 250 12.14 16.24 32.33
N LEU B 7 29.89 -22.61 35.69
CA LEU B 7 29.15 -23.10 34.54
C LEU B 7 27.64 -22.81 34.64
N PRO B 8 27.04 -22.36 33.54
CA PRO B 8 25.64 -21.95 33.59
C PRO B 8 24.69 -23.13 33.43
N GLY B 9 23.43 -22.87 33.72
CA GLY B 9 22.42 -23.87 33.53
C GLY B 9 22.15 -24.11 32.06
N ALA B 10 21.17 -24.99 31.82
CA ALA B 10 20.68 -25.24 30.49
C ALA B 10 19.55 -24.27 30.22
N VAL B 11 19.34 -23.94 28.95
CA VAL B 11 18.14 -23.20 28.56
C VAL B 11 16.91 -24.09 28.77
N PRO B 12 15.82 -23.61 29.38
CA PRO B 12 14.61 -24.45 29.55
C PRO B 12 14.02 -24.83 28.19
N THR B 13 13.97 -26.15 27.92
CA THR B 13 13.60 -26.63 26.58
C THR B 13 12.27 -26.05 26.10
N GLU B 14 11.27 -26.07 26.98
CA GLU B 14 9.94 -25.58 26.61
C GLU B 14 9.85 -24.07 26.44
N SER B 15 10.86 -23.29 26.86
CA SER B 15 10.86 -21.86 26.57
C SER B 15 11.27 -21.57 25.14
N ILE B 16 11.95 -22.51 24.48
CA ILE B 16 12.38 -22.31 23.12
C ILE B 16 11.15 -22.31 22.23
N GLN B 17 10.91 -21.21 21.50
CA GLN B 17 9.79 -21.20 20.57
C GLN B 17 10.23 -20.48 19.31
N GLY B 18 9.59 -20.82 18.20
CA GLY B 18 9.92 -20.23 16.93
C GLY B 18 8.70 -19.77 16.19
N SER B 19 8.80 -18.59 15.61
CA SER B 19 7.83 -18.07 14.69
C SER B 19 8.39 -18.31 13.31
N THR B 20 7.67 -19.05 12.49
CA THR B 20 8.26 -19.64 11.30
C THR B 20 7.66 -19.01 10.06
N PHE B 21 8.49 -18.93 9.03
CA PHE B 21 8.14 -18.30 7.78
C PHE B 21 8.57 -19.21 6.67
N GLU B 22 8.54 -18.72 5.44
CA GLU B 22 8.93 -19.60 4.36
C GLU B 22 10.43 -19.86 4.38
N GLU B 23 11.21 -18.79 4.47
CA GLU B 23 12.67 -18.89 4.36
C GLU B 23 13.37 -18.45 5.64
N LYS B 24 12.67 -18.33 6.75
CA LYS B 24 13.26 -17.81 7.97
C LYS B 24 12.64 -18.52 9.17
N ILE B 25 13.36 -18.54 10.28
CA ILE B 25 12.78 -18.92 11.56
C ILE B 25 13.27 -17.94 12.60
N PHE B 26 12.34 -17.27 13.26
CA PHE B 26 12.68 -16.44 14.40
C PHE B 26 12.61 -17.32 15.63
N LEU B 27 13.77 -17.59 16.20
CA LEU B 27 13.95 -18.42 17.37
C LEU B 27 14.11 -17.55 18.61
N GLN B 28 13.46 -17.97 19.67
CA GLN B 28 13.36 -17.22 20.90
C GLN B 28 13.35 -18.18 22.09
N TRP B 29 13.97 -17.80 23.20
CA TRP B 29 14.03 -18.69 24.37
C TRP B 29 14.14 -17.83 25.63
N ARG B 30 14.40 -18.47 26.77
CA ARG B 30 14.60 -17.73 28.02
C ARG B 30 15.96 -18.09 28.63
N GLU B 31 16.50 -17.19 29.47
CA GLU B 31 17.84 -17.37 30.00
C GLU B 31 17.88 -18.65 30.84
N PRO B 32 19.10 -19.22 31.06
CA PRO B 32 19.20 -20.49 31.78
C PRO B 32 18.59 -20.45 33.16
N THR B 33 18.10 -21.64 33.55
CA THR B 33 17.19 -21.78 34.68
C THR B 33 17.82 -21.38 36.00
N GLN B 34 19.14 -21.52 36.14
CA GLN B 34 19.79 -21.12 37.37
C GLN B 34 21.01 -20.30 37.00
N THR B 35 21.33 -19.37 37.87
CA THR B 35 22.23 -18.30 37.51
C THR B 35 23.56 -18.58 38.18
N TYR B 36 24.57 -18.72 37.35
CA TYR B 36 25.95 -18.56 37.76
C TYR B 36 26.45 -17.38 36.95
N GLY B 37 26.73 -16.29 37.64
CA GLY B 37 27.29 -15.12 37.06
C GLY B 37 26.53 -14.70 35.82
N VAL B 38 27.28 -14.14 34.88
CA VAL B 38 26.74 -13.51 33.68
C VAL B 38 26.84 -14.46 32.50
N ILE B 39 25.80 -14.46 31.67
CA ILE B 39 25.83 -15.15 30.39
C ILE B 39 26.40 -14.17 29.38
N THR B 40 27.26 -14.67 28.53
CA THR B 40 27.99 -13.82 27.61
C THR B 40 27.58 -14.00 26.18
N LEU B 41 27.18 -15.23 25.81
CA LEU B 41 26.72 -15.61 24.49
C LEU B 41 25.89 -16.89 24.54
N TYR B 42 25.14 -17.15 23.46
CA TYR B 42 24.57 -18.45 23.22
C TYR B 42 25.18 -19.01 21.93
N GLU B 43 25.47 -20.32 21.91
CA GLU B 43 25.87 -21.01 20.68
C GLU B 43 24.74 -21.92 20.28
N ILE B 44 24.34 -21.85 19.00
CA ILE B 44 23.21 -22.58 18.46
C ILE B 44 23.65 -23.33 17.23
N THR B 45 23.34 -24.63 17.20
CA THR B 45 23.46 -25.45 16.01
C THR B 45 22.08 -25.65 15.42
N TYR B 46 21.98 -25.47 14.11
CA TYR B 46 20.79 -25.80 13.34
C TYR B 46 21.13 -26.92 12.37
N LYS B 47 20.26 -27.91 12.31
CA LYS B 47 20.40 -29.09 11.48
C LYS B 47 19.04 -29.37 10.86
N ALA B 48 19.00 -29.51 9.53
CA ALA B 48 17.76 -29.85 8.84
C ALA B 48 17.41 -31.30 9.12
N VAL B 49 16.22 -31.54 9.65
CA VAL B 49 15.82 -32.90 10.01
C VAL B 49 15.11 -33.59 8.86
N SER B 50 14.09 -32.94 8.31
CA SER B 50 13.24 -33.55 7.30
C SER B 50 12.61 -32.43 6.48
N SER B 51 12.02 -32.82 5.36
CA SER B 51 11.34 -31.84 4.54
C SER B 51 10.15 -32.48 3.85
N PHE B 52 9.15 -31.66 3.57
CA PHE B 52 8.10 -32.14 2.69
C PHE B 52 8.60 -32.16 1.25
N ASP B 53 9.74 -31.58 1.01
CA ASP B 53 10.23 -31.52 -0.34
C ASP B 53 10.91 -32.84 -0.71
N PRO B 54 10.51 -33.49 -1.81
CA PRO B 54 11.18 -34.73 -2.23
C PRO B 54 12.49 -34.52 -2.95
N GLU B 55 12.73 -33.34 -3.50
CA GLU B 55 13.84 -33.09 -4.41
C GLU B 55 15.04 -32.50 -3.71
N ILE B 56 14.98 -32.34 -2.40
CA ILE B 56 15.96 -31.53 -1.69
C ILE B 56 17.05 -32.40 -1.12
N ASP B 57 18.25 -31.93 -1.26
CA ASP B 57 19.38 -32.54 -0.60
C ASP B 57 19.62 -31.75 0.68
N LEU B 58 19.52 -32.42 1.81
CA LEU B 58 19.58 -31.75 3.10
C LEU B 58 21.01 -31.48 3.57
N SER B 59 22.01 -31.96 2.85
CA SER B 59 23.38 -32.00 3.37
C SER B 59 23.93 -30.62 3.75
N ASN B 60 23.58 -29.60 2.99
CA ASN B 60 24.09 -28.26 3.22
C ASN B 60 23.33 -27.53 4.30
N GLN B 61 22.24 -28.12 4.78
CA GLN B 61 21.32 -27.40 5.66
C GLN B 61 21.68 -27.57 7.15
N SER B 62 22.92 -27.22 7.48
CA SER B 62 23.35 -27.16 8.87
C SER B 62 24.35 -26.02 9.05
N GLY B 63 24.50 -25.58 10.30
CA GLY B 63 25.48 -24.56 10.64
C GLY B 63 25.47 -24.25 12.12
N ARG B 64 26.38 -23.35 12.51
CA ARG B 64 26.53 -22.83 13.87
C ARG B 64 26.50 -21.31 13.88
N VAL B 65 25.93 -20.74 14.93
CA VAL B 65 25.96 -19.30 15.20
C VAL B 65 26.43 -19.11 16.63
N SER B 66 27.48 -18.32 16.84
CA SER B 66 27.78 -17.95 18.21
C SER B 66 27.11 -16.59 18.35
N LYS B 67 25.99 -16.59 19.04
CA LYS B 67 25.25 -15.35 19.18
C LYS B 67 25.89 -14.62 20.37
N LEU B 68 26.70 -13.61 20.05
CA LEU B 68 27.27 -12.78 21.09
C LEU B 68 26.22 -11.93 21.79
N GLY B 69 26.45 -11.71 23.06
CA GLY B 69 25.49 -11.08 23.94
C GLY B 69 24.47 -12.08 24.45
N ASN B 70 23.76 -11.64 25.47
CA ASN B 70 22.87 -12.54 26.18
C ASN B 70 21.39 -12.24 25.97
N GLU B 71 21.05 -11.70 24.80
CA GLU B 71 19.66 -11.51 24.40
C GLU B 71 19.11 -12.81 23.88
N THR B 72 17.88 -13.11 24.26
CA THR B 72 17.35 -14.45 24.05
C THR B 72 16.53 -14.56 22.76
N HIS B 73 17.11 -14.08 21.66
CA HIS B 73 16.48 -14.31 20.36
C HIS B 73 17.52 -14.22 19.23
N PHE B 74 17.20 -14.88 18.12
CA PHE B 74 17.98 -14.79 16.89
C PHE B 74 17.13 -15.13 15.68
N LEU B 75 17.34 -14.38 14.59
CA LEU B 75 16.62 -14.60 13.35
C LEU B 75 17.43 -15.45 12.39
N PHE B 76 17.03 -16.70 12.27
CA PHE B 76 17.59 -17.54 11.23
C PHE B 76 16.88 -17.24 9.93
N PHE B 77 17.66 -17.00 8.88
CA PHE B 77 17.14 -16.62 7.58
C PHE B 77 17.90 -17.37 6.49
N GLY B 78 17.35 -17.39 5.29
CA GLY B 78 17.96 -18.19 4.25
C GLY B 78 17.74 -19.68 4.41
N LEU B 79 16.79 -20.08 5.25
CA LEU B 79 16.46 -21.48 5.40
C LEU B 79 15.69 -21.99 4.17
N TYR B 80 15.45 -23.31 4.15
CA TYR B 80 14.71 -23.88 3.03
C TYR B 80 13.24 -24.14 3.44
N PRO B 81 12.28 -23.83 2.57
CA PRO B 81 10.89 -23.74 3.02
C PRO B 81 10.19 -25.03 3.47
N GLY B 82 10.43 -26.16 2.85
CA GLY B 82 9.66 -27.31 3.29
C GLY B 82 10.21 -28.06 4.48
N THR B 83 10.94 -27.39 5.36
CA THR B 83 11.89 -28.11 6.19
C THR B 83 11.70 -27.90 7.69
N THR B 84 11.87 -28.99 8.42
CA THR B 84 11.88 -28.98 9.86
C THR B 84 13.32 -28.83 10.31
N TYR B 85 13.62 -27.78 11.05
CA TYR B 85 14.97 -27.53 11.49
C TYR B 85 15.06 -27.80 12.98
N SER B 86 16.08 -28.55 13.36
CA SER B 86 16.41 -28.82 14.75
C SER B 86 17.45 -27.82 15.23
N PHE B 87 17.14 -27.14 16.33
CA PHE B 87 18.00 -26.14 16.95
C PHE B 87 18.54 -26.67 18.28
N THR B 88 19.84 -26.49 18.52
CA THR B 88 20.48 -26.87 19.78
C THR B 88 21.15 -25.64 20.38
N ILE B 89 20.76 -25.28 21.62
CA ILE B 89 21.23 -24.07 22.28
C ILE B 89 22.12 -24.45 23.45
N ARG B 90 23.30 -23.83 23.54
CA ARG B 90 24.12 -23.91 24.73
C ARG B 90 24.24 -22.50 25.29
N ALA B 91 24.17 -22.40 26.61
CA ALA B 91 24.39 -21.13 27.26
C ALA B 91 25.85 -21.04 27.63
N SER B 92 26.38 -19.83 27.66
CA SER B 92 27.79 -19.68 27.95
C SER B 92 28.03 -18.58 28.98
N THR B 93 28.48 -18.98 30.17
CA THR B 93 29.23 -18.11 31.06
C THR B 93 30.62 -17.91 30.49
N ALA B 94 31.30 -16.87 30.99
CA ALA B 94 32.69 -16.67 30.61
C ALA B 94 33.52 -17.91 30.92
N LYS B 95 33.03 -18.76 31.84
CA LYS B 95 33.68 -19.98 32.29
C LYS B 95 33.35 -21.20 31.41
N GLY B 96 32.41 -21.10 30.49
CA GLY B 96 32.21 -22.22 29.59
C GLY B 96 30.76 -22.47 29.28
N PHE B 97 30.48 -23.45 28.43
CA PHE B 97 29.10 -23.76 28.05
C PHE B 97 28.40 -24.53 29.16
N GLY B 98 27.12 -24.25 29.31
CA GLY B 98 26.24 -25.08 30.08
C GLY B 98 25.71 -26.21 29.22
N PRO B 99 24.83 -27.03 29.78
CA PRO B 99 24.33 -28.17 29.01
C PRO B 99 23.48 -27.68 27.85
N PRO B 100 23.42 -28.44 26.76
CA PRO B 100 22.60 -28.03 25.62
C PRO B 100 21.15 -28.28 25.95
N ALA B 101 20.28 -27.56 25.25
CA ALA B 101 18.86 -27.88 25.12
C ALA B 101 18.51 -27.85 23.63
N THR B 102 17.47 -28.58 23.26
CA THR B 102 17.18 -28.70 21.84
C THR B 102 15.69 -28.86 21.58
N ASN B 103 15.26 -28.29 20.45
CA ASN B 103 13.87 -28.28 20.00
C ASN B 103 13.87 -28.05 18.49
N GLN B 104 12.71 -28.26 17.85
CA GLN B 104 12.64 -28.18 16.39
C GLN B 104 11.37 -27.50 15.89
N PHE B 105 11.51 -26.81 14.76
CA PHE B 105 10.46 -26.01 14.16
C PHE B 105 10.58 -26.13 12.65
N THR B 106 9.49 -25.79 11.97
CA THR B 106 9.40 -26.08 10.55
C THR B 106 9.08 -24.80 9.80
N THR B 107 9.85 -24.52 8.77
CA THR B 107 9.55 -23.40 7.90
C THR B 107 8.28 -23.67 7.11
N LYS B 108 7.54 -22.59 6.82
CA LYS B 108 6.35 -22.68 5.98
C LYS B 108 6.76 -23.01 4.56
N ILE B 109 5.91 -23.77 3.86
CA ILE B 109 6.17 -24.07 2.45
C ILE B 109 5.97 -22.84 1.58
N SER B 110 6.48 -22.91 0.35
CA SER B 110 6.26 -21.86 -0.64
C SER B 110 5.68 -22.45 -1.93
N ALA B 111 5.15 -21.56 -2.78
CA ALA B 111 4.55 -21.95 -4.04
C ALA B 111 5.59 -22.62 -4.95
N PRO B 112 5.18 -23.60 -5.76
CA PRO B 112 6.11 -24.19 -6.73
C PRO B 112 6.61 -23.18 -7.77
N SER B 113 7.80 -23.45 -8.32
CA SER B 113 8.41 -22.56 -9.30
C SER B 113 7.98 -22.94 -10.72
N MET B 114 7.29 -22.03 -11.38
CA MET B 114 6.76 -22.33 -12.69
C MET B 114 7.86 -22.24 -13.74
N PRO B 115 7.66 -22.88 -14.88
CA PRO B 115 8.56 -22.65 -16.01
C PRO B 115 8.44 -21.25 -16.54
N ALA B 116 9.51 -20.81 -17.18
CA ALA B 116 9.52 -19.51 -17.84
C ALA B 116 8.88 -19.64 -19.21
N TYR B 117 8.02 -18.69 -19.51
CA TYR B 117 7.40 -18.61 -20.82
C TYR B 117 7.62 -17.22 -21.34
N GLU B 118 7.75 -17.10 -22.64
CA GLU B 118 8.06 -15.83 -23.26
C GLU B 118 6.89 -15.41 -24.11
N LEU B 119 5.75 -16.03 -23.84
CA LEU B 119 4.55 -15.83 -24.62
C LEU B 119 4.84 -16.04 -26.10
N GLU B 120 5.60 -17.09 -26.41
CA GLU B 120 5.77 -17.54 -27.80
C GLU B 120 4.42 -17.86 -28.45
N THR B 121 4.38 -17.69 -29.76
CA THR B 121 3.21 -18.11 -30.52
C THR B 121 2.94 -19.60 -30.28
N PRO B 122 1.68 -20.00 -30.14
CA PRO B 122 1.36 -21.40 -29.77
C PRO B 122 1.85 -22.42 -30.80
N LEU B 123 1.79 -23.69 -30.39
CA LEU B 123 2.28 -24.77 -31.24
C LEU B 123 1.36 -25.01 -32.43
N ASN B 124 0.03 -25.06 -32.21
CA ASN B 124 -0.96 -24.95 -33.29
C ASN B 124 -2.22 -24.33 -32.70
N GLN B 125 -3.08 -23.83 -33.60
CA GLN B 125 -4.27 -23.10 -33.20
C GLN B 125 -5.34 -23.24 -34.26
N THR B 126 -6.59 -23.24 -33.81
CA THR B 126 -7.74 -23.26 -34.70
C THR B 126 -8.67 -22.16 -34.25
N ASP B 127 -9.79 -22.05 -34.95
CA ASP B 127 -10.83 -21.13 -34.53
C ASP B 127 -11.26 -21.41 -33.09
N ASN B 128 -11.19 -22.67 -32.66
CA ASN B 128 -11.77 -23.08 -31.38
C ASN B 128 -10.75 -23.55 -30.35
N THR B 129 -9.49 -23.71 -30.72
CA THR B 129 -8.55 -24.37 -29.82
C THR B 129 -7.20 -23.68 -29.92
N VAL B 130 -6.41 -23.87 -28.86
CA VAL B 130 -5.02 -23.44 -28.82
C VAL B 130 -4.22 -24.57 -28.20
N THR B 131 -3.04 -24.82 -28.73
CA THR B 131 -2.18 -25.87 -28.20
C THR B 131 -0.84 -25.29 -27.78
N VAL B 132 -0.41 -25.63 -26.55
CA VAL B 132 0.82 -25.13 -25.93
C VAL B 132 1.62 -26.28 -25.36
N MET B 133 2.92 -26.04 -25.22
CA MET B 133 3.82 -27.02 -24.62
C MET B 133 3.93 -26.72 -23.12
N LEU B 134 3.39 -27.60 -22.27
CA LEU B 134 3.54 -27.50 -20.81
C LEU B 134 4.73 -28.31 -20.36
N LYS B 135 5.44 -27.84 -19.34
CA LYS B 135 6.50 -28.62 -18.69
C LYS B 135 6.37 -28.49 -17.18
N PRO B 136 6.77 -29.51 -16.40
CA PRO B 136 6.49 -29.50 -14.95
C PRO B 136 7.18 -28.40 -14.17
N ALA B 137 6.48 -27.90 -13.14
CA ALA B 137 7.01 -26.96 -12.16
C ALA B 137 7.87 -27.66 -11.13
N HIS B 138 8.69 -26.86 -10.46
CA HIS B 138 9.65 -27.37 -9.51
C HIS B 138 9.11 -27.16 -8.10
N SER B 139 9.31 -28.15 -7.25
CA SER B 139 8.90 -27.99 -5.86
C SER B 139 9.77 -26.92 -5.18
N ARG B 140 9.13 -26.12 -4.34
CA ARG B 140 9.83 -25.19 -3.47
C ARG B 140 9.21 -25.30 -2.07
N GLY B 141 9.33 -26.49 -1.51
CA GLY B 141 8.87 -26.79 -0.17
C GLY B 141 7.90 -27.95 -0.06
N ALA B 142 7.19 -28.28 -1.12
CA ALA B 142 6.26 -29.40 -1.08
C ALA B 142 6.12 -29.91 -2.50
N PRO B 143 5.67 -31.15 -2.68
CA PRO B 143 5.43 -31.65 -4.04
C PRO B 143 4.34 -30.82 -4.71
N VAL B 144 4.42 -30.73 -6.04
CA VAL B 144 3.29 -30.21 -6.80
C VAL B 144 2.09 -31.14 -6.62
N SER B 145 0.94 -30.57 -6.22
CA SER B 145 -0.27 -31.35 -5.96
C SER B 145 -1.17 -31.53 -7.18
N VAL B 146 -1.61 -30.43 -7.78
CA VAL B 146 -2.38 -30.49 -9.00
C VAL B 146 -1.92 -29.37 -9.90
N TYR B 147 -2.02 -29.57 -11.21
CA TYR B 147 -1.89 -28.49 -12.15
C TYR B 147 -3.29 -28.07 -12.54
N GLN B 148 -3.44 -26.79 -12.86
CA GLN B 148 -4.73 -26.26 -13.24
C GLN B 148 -4.49 -25.36 -14.42
N ILE B 149 -5.44 -25.31 -15.31
CA ILE B 149 -5.30 -24.47 -16.48
C ILE B 149 -6.45 -23.50 -16.46
N VAL B 150 -6.10 -22.22 -16.48
CA VAL B 150 -7.07 -21.16 -16.30
C VAL B 150 -7.24 -20.47 -17.63
N VAL B 151 -8.51 -20.36 -18.06
CA VAL B 151 -8.87 -19.66 -19.27
C VAL B 151 -9.64 -18.39 -18.91
N GLU B 152 -9.15 -17.25 -19.40
CA GLU B 152 -9.72 -15.94 -19.09
C GLU B 152 -10.05 -15.19 -20.37
N GLU B 153 -11.29 -14.68 -20.48
CA GLU B 153 -11.70 -13.89 -21.63
C GLU B 153 -11.08 -12.50 -21.58
N GLU B 154 -10.86 -11.93 -22.76
CA GLU B 154 -10.49 -10.52 -22.82
C GLU B 154 -11.74 -9.68 -22.70
N ARG B 155 -11.99 -9.12 -21.52
CA ARG B 155 -12.95 -8.02 -21.48
C ARG B 155 -12.30 -6.77 -22.06
N PRO B 156 -13.07 -5.96 -22.77
CA PRO B 156 -12.54 -4.71 -23.32
C PRO B 156 -12.20 -3.71 -22.23
N ARG B 157 -11.08 -2.97 -22.43
CA ARG B 157 -10.59 -1.97 -21.47
C ARG B 157 -10.30 -0.66 -22.18
N ARG B 158 -10.37 0.45 -21.43
CA ARG B 158 -9.92 1.76 -21.93
C ARG B 158 -8.62 2.26 -21.29
N THR B 159 -7.96 1.42 -20.47
CA THR B 159 -6.69 1.79 -19.83
C THR B 159 -5.91 0.54 -19.50
N LYS B 160 -4.58 0.71 -19.58
CA LYS B 160 -3.64 -0.31 -19.10
C LYS B 160 -3.69 -0.42 -17.58
N LYS B 161 -3.78 0.74 -16.91
CA LYS B 161 -3.58 0.81 -15.47
C LYS B 161 -4.50 -0.14 -14.74
N THR B 162 -4.02 -0.66 -13.60
CA THR B 162 -4.81 -1.52 -12.72
C THR B 162 -5.01 -0.81 -11.39
N THR B 163 -6.10 -1.12 -10.67
CA THR B 163 -6.26 -0.67 -9.29
C THR B 163 -5.45 -1.51 -8.32
N GLU B 164 -5.08 -2.75 -8.70
CA GLU B 164 -4.49 -3.70 -7.77
C GLU B 164 -3.36 -4.48 -8.41
N ILE B 165 -2.66 -5.20 -7.53
CA ILE B 165 -1.65 -6.18 -7.93
C ILE B 165 -2.28 -7.30 -8.75
N LEU B 166 -1.50 -7.84 -9.68
CA LEU B 166 -1.91 -9.04 -10.43
C LEU B 166 -1.77 -10.27 -9.53
N LYS B 167 -2.79 -11.15 -9.55
CA LYS B 167 -2.86 -12.28 -8.62
C LYS B 167 -3.23 -13.55 -9.37
N CYS B 168 -2.96 -14.70 -8.76
CA CYS B 168 -3.38 -15.96 -9.37
C CYS B 168 -4.85 -16.31 -9.03
N TYR B 169 -5.24 -17.57 -9.29
CA TYR B 169 -6.63 -18.01 -9.34
C TYR B 169 -6.83 -19.10 -8.28
N PRO B 170 -7.04 -18.70 -7.04
CA PRO B 170 -7.21 -19.70 -5.99
C PRO B 170 -8.56 -20.32 -5.92
N VAL B 171 -9.59 -19.66 -6.47
CA VAL B 171 -10.97 -20.11 -6.44
C VAL B 171 -11.30 -20.82 -7.75
N PRO B 172 -11.46 -22.14 -7.77
CA PRO B 172 -11.81 -22.80 -9.04
C PRO B 172 -13.27 -22.55 -9.45
N ILE B 173 -13.47 -22.46 -10.76
CA ILE B 173 -14.79 -22.22 -11.33
C ILE B 173 -14.92 -23.04 -12.61
N HIS B 174 -15.94 -23.91 -12.64
CA HIS B 174 -16.27 -24.69 -13.83
C HIS B 174 -16.96 -23.82 -14.87
N PHE B 175 -16.75 -24.16 -16.14
CA PHE B 175 -17.26 -23.34 -17.23
C PHE B 175 -18.76 -23.10 -17.12
N GLN B 176 -19.52 -24.16 -16.84
CA GLN B 176 -20.99 -24.07 -16.86
C GLN B 176 -21.54 -23.11 -15.81
N ASN B 177 -20.75 -22.72 -14.83
CA ASN B 177 -21.20 -21.73 -13.85
C ASN B 177 -20.62 -20.35 -14.13
N ALA B 178 -19.71 -20.21 -15.10
CA ALA B 178 -18.98 -18.96 -15.29
C ALA B 178 -19.90 -17.78 -15.58
N SER B 179 -20.83 -17.96 -16.53
CA SER B 179 -21.77 -16.87 -16.84
C SER B 179 -22.74 -16.63 -15.69
N LEU B 180 -23.12 -17.70 -14.97
CA LEU B 180 -24.01 -17.55 -13.82
C LEU B 180 -23.35 -16.79 -12.68
N LEU B 181 -22.06 -17.05 -12.46
CA LEU B 181 -21.29 -16.42 -11.39
C LEU B 181 -20.65 -15.11 -11.81
N ASN B 182 -20.76 -14.74 -13.09
CA ASN B 182 -20.15 -13.55 -13.67
C ASN B 182 -18.63 -13.58 -13.44
N SER B 183 -18.05 -14.78 -13.57
CA SER B 183 -16.61 -14.92 -13.42
C SER B 183 -15.90 -14.48 -14.70
N GLN B 184 -14.73 -13.85 -14.55
CA GLN B 184 -13.93 -13.50 -15.71
C GLN B 184 -13.21 -14.69 -16.33
N TYR B 185 -13.15 -15.82 -15.62
CA TYR B 185 -12.28 -16.93 -15.99
C TYR B 185 -12.99 -18.25 -15.71
N TYR B 186 -12.48 -19.33 -16.31
CA TYR B 186 -12.93 -20.67 -15.91
C TYR B 186 -11.71 -21.61 -15.94
N PHE B 187 -11.81 -22.67 -15.14
CA PHE B 187 -10.80 -23.72 -15.12
C PHE B 187 -11.13 -24.71 -16.23
N ALA B 188 -10.25 -24.77 -17.21
CA ALA B 188 -10.49 -25.69 -18.31
C ALA B 188 -10.06 -27.10 -17.94
N ALA B 189 -9.09 -27.26 -17.03
CA ALA B 189 -8.62 -28.61 -16.71
C ALA B 189 -7.88 -28.62 -15.39
N GLU B 190 -7.78 -29.82 -14.80
CA GLU B 190 -6.96 -30.10 -13.63
C GLU B 190 -6.30 -31.48 -13.75
N PHE B 191 -5.02 -31.57 -13.38
CA PHE B 191 -4.25 -32.81 -13.43
C PHE B 191 -3.67 -33.13 -12.07
N PRO B 192 -3.59 -34.40 -11.72
CA PRO B 192 -2.64 -34.80 -10.68
C PRO B 192 -1.23 -34.67 -11.24
N ALA B 193 -0.30 -34.28 -10.37
CA ALA B 193 1.07 -33.98 -10.79
C ALA B 193 1.91 -35.21 -11.10
N ASP B 194 1.39 -36.43 -10.99
CA ASP B 194 2.17 -37.55 -11.52
C ASP B 194 2.11 -37.61 -13.03
N SER B 195 1.08 -37.02 -13.65
CA SER B 195 1.15 -36.65 -15.06
C SER B 195 2.10 -35.46 -15.23
N LEU B 196 2.49 -35.21 -16.49
CA LEU B 196 3.36 -34.08 -16.82
C LEU B 196 4.68 -34.17 -16.04
N GLN B 197 5.34 -35.32 -16.14
CA GLN B 197 6.67 -35.42 -15.60
C GLN B 197 7.71 -34.87 -16.56
N ALA B 198 7.31 -34.60 -17.79
CA ALA B 198 8.19 -34.01 -18.77
C ALA B 198 7.32 -33.20 -19.71
N ALA B 199 7.97 -32.42 -20.56
CA ALA B 199 7.27 -31.54 -21.47
C ALA B 199 6.38 -32.35 -22.40
N GLN B 200 5.08 -32.06 -22.41
CA GLN B 200 4.11 -32.73 -23.26
C GLN B 200 3.12 -31.64 -23.63
N PRO B 201 2.62 -31.59 -24.86
CA PRO B 201 1.69 -30.52 -25.25
C PRO B 201 0.29 -30.70 -24.66
N PHE B 202 -0.44 -29.58 -24.55
CA PHE B 202 -1.82 -29.65 -24.11
C PHE B 202 -2.67 -28.73 -24.98
N THR B 203 -3.91 -29.18 -25.23
CA THR B 203 -4.84 -28.54 -26.16
C THR B 203 -6.02 -27.89 -25.43
N ILE B 204 -6.05 -26.56 -25.41
CA ILE B 204 -7.23 -25.84 -24.93
C ILE B 204 -8.42 -26.04 -25.85
N GLY B 205 -9.57 -26.34 -25.26
CA GLY B 205 -10.80 -26.48 -26.00
C GLY B 205 -11.00 -27.83 -26.64
N ASP B 206 -10.21 -28.81 -26.23
CA ASP B 206 -10.28 -30.13 -26.81
C ASP B 206 -11.54 -30.88 -26.41
N ASN B 207 -12.44 -30.27 -25.66
CA ASN B 207 -13.73 -30.83 -25.31
C ASN B 207 -13.71 -32.00 -24.31
N LYS B 208 -12.52 -32.45 -23.84
CA LYS B 208 -12.42 -33.52 -22.85
C LYS B 208 -12.61 -32.95 -21.45
N THR B 209 -12.93 -33.82 -20.48
CA THR B 209 -13.16 -33.40 -19.09
C THR B 209 -12.05 -33.95 -18.19
N TYR B 210 -11.37 -33.06 -17.44
CA TYR B 210 -10.27 -33.47 -16.57
C TYR B 210 -10.62 -33.14 -15.14
N ASN B 211 -10.65 -34.17 -14.29
CA ASN B 211 -11.00 -34.04 -12.88
C ASN B 211 -12.31 -33.29 -12.69
N GLY B 212 -13.24 -33.41 -13.64
CA GLY B 212 -14.49 -32.69 -13.52
C GLY B 212 -14.52 -31.34 -14.17
N TYR B 213 -13.42 -30.85 -14.74
CA TYR B 213 -13.39 -29.58 -15.44
C TYR B 213 -13.50 -29.83 -16.94
N TRP B 214 -14.51 -29.25 -17.55
CA TRP B 214 -14.75 -29.46 -18.98
C TRP B 214 -13.91 -28.48 -19.78
N ASN B 215 -13.06 -29.00 -20.67
CA ASN B 215 -12.18 -28.16 -21.50
C ASN B 215 -12.95 -27.60 -22.70
N THR B 216 -13.87 -26.69 -22.37
CA THR B 216 -14.82 -26.14 -23.34
C THR B 216 -14.07 -25.62 -24.56
N PRO B 217 -14.54 -25.92 -25.77
CA PRO B 217 -13.94 -25.31 -26.96
C PRO B 217 -14.08 -23.79 -26.90
N LEU B 218 -13.16 -23.11 -27.56
CA LEU B 218 -13.16 -21.65 -27.49
C LEU B 218 -14.02 -21.06 -28.59
N LEU B 219 -14.52 -19.85 -28.32
CA LEU B 219 -15.32 -19.05 -29.25
C LEU B 219 -14.42 -18.19 -30.12
N PRO B 220 -14.53 -18.27 -31.45
CA PRO B 220 -13.62 -17.51 -32.33
C PRO B 220 -13.85 -16.00 -32.29
N TYR B 221 -15.03 -15.54 -31.86
CA TYR B 221 -15.27 -14.11 -31.75
C TYR B 221 -14.80 -13.56 -30.43
N LYS B 222 -14.32 -14.42 -29.55
CA LYS B 222 -13.78 -14.04 -28.25
C LYS B 222 -12.26 -14.13 -28.29
N SER B 223 -11.60 -13.13 -27.73
CA SER B 223 -10.17 -13.23 -27.45
C SER B 223 -9.94 -13.80 -26.06
N TYR B 224 -8.92 -14.62 -25.93
CA TYR B 224 -8.62 -15.29 -24.68
C TYR B 224 -7.16 -15.13 -24.32
N ARG B 225 -6.88 -15.23 -23.02
CA ARG B 225 -5.53 -15.43 -22.55
C ARG B 225 -5.58 -16.59 -21.56
N ILE B 226 -4.55 -17.42 -21.60
CA ILE B 226 -4.56 -18.72 -20.95
C ILE B 226 -3.39 -18.76 -19.96
N TYR B 227 -3.65 -19.22 -18.74
CA TYR B 227 -2.65 -19.29 -17.70
C TYR B 227 -2.42 -20.71 -17.23
N PHE B 228 -1.15 -21.03 -16.97
CA PHE B 228 -0.75 -22.32 -16.47
C PHE B 228 -0.42 -22.16 -14.98
N GLN B 229 -1.12 -22.92 -14.14
CA GLN B 229 -1.09 -22.74 -12.69
C GLN B 229 -0.79 -24.06 -12.02
N ALA B 230 -0.09 -23.97 -10.89
CA ALA B 230 0.27 -25.13 -10.08
C ALA B 230 0.13 -24.80 -8.61
N ALA B 231 -0.14 -25.83 -7.82
CA ALA B 231 -0.35 -25.70 -6.39
C ALA B 231 0.44 -26.78 -5.67
N SER B 232 0.88 -26.44 -4.47
CA SER B 232 1.52 -27.38 -3.55
C SER B 232 0.80 -27.28 -2.22
N ARG B 233 0.57 -28.43 -1.57
CA ARG B 233 -0.14 -28.42 -0.30
C ARG B 233 0.67 -29.24 0.67
N ALA B 234 0.80 -28.73 1.90
CA ALA B 234 1.36 -29.50 2.99
C ALA B 234 0.93 -28.88 4.30
N ASN B 235 0.80 -29.73 5.33
CA ASN B 235 0.42 -29.26 6.66
C ASN B 235 -0.90 -28.47 6.61
N GLY B 236 -1.74 -28.78 5.61
CA GLY B 236 -3.01 -28.13 5.40
C GLY B 236 -2.92 -26.73 4.86
N GLU B 237 -1.72 -26.14 4.84
CA GLU B 237 -1.46 -24.92 4.11
C GLU B 237 -1.30 -25.22 2.62
N THR B 238 -1.89 -24.36 1.78
CA THR B 238 -2.08 -24.60 0.35
C THR B 238 -1.60 -23.37 -0.42
N LYS B 239 -0.67 -23.51 -1.36
CA LYS B 239 -0.07 -22.34 -2.02
C LYS B 239 0.05 -22.51 -3.53
N ILE B 240 -0.12 -21.40 -4.28
CA ILE B 240 -0.23 -21.47 -5.74
C ILE B 240 0.64 -20.39 -6.38
N ASP B 241 1.05 -20.66 -7.63
CA ASP B 241 1.62 -19.68 -8.53
C ASP B 241 1.18 -20.06 -9.94
N CYS B 242 1.25 -19.11 -10.87
CA CYS B 242 0.70 -19.28 -12.21
C CYS B 242 1.46 -18.41 -13.22
N VAL B 243 1.42 -18.81 -14.49
CA VAL B 243 2.11 -18.07 -15.55
C VAL B 243 1.25 -18.12 -16.82
N GLN B 244 1.17 -16.98 -17.51
CA GLN B 244 0.45 -16.88 -18.78
C GLN B 244 1.27 -17.51 -19.88
N VAL B 245 0.67 -18.47 -20.57
CA VAL B 245 1.38 -19.24 -21.57
C VAL B 245 0.96 -18.91 -23.01
N ALA B 246 -0.22 -18.34 -23.25
CA ALA B 246 -0.64 -18.08 -24.63
C ALA B 246 -1.80 -17.09 -24.67
N THR B 247 -2.10 -16.62 -25.88
CA THR B 247 -3.27 -15.80 -26.20
C THR B 247 -3.86 -16.39 -27.48
N LYS B 248 -5.17 -16.14 -27.69
CA LYS B 248 -5.88 -16.35 -28.95
C LYS B 248 -6.76 -15.13 -29.23
N GLY B 249 -6.84 -14.73 -30.51
CA GLY B 249 -7.63 -13.56 -30.90
C GLY B 249 -8.89 -13.77 -31.72
N GLY B 250 -9.81 -12.80 -31.69
CA GLY B 250 -11.06 -12.92 -32.41
C GLY B 250 -10.91 -13.03 -33.93
N LEU C 7 28.74 19.37 -37.37
CA LEU C 7 28.25 20.32 -36.35
C LEU C 7 26.70 20.45 -36.27
N PRO C 8 26.11 20.34 -35.07
CA PRO C 8 24.66 20.24 -34.98
C PRO C 8 23.96 21.58 -34.74
N GLY C 9 22.63 21.53 -34.86
CA GLY C 9 21.78 22.67 -34.61
C GLY C 9 21.40 22.80 -33.15
N ALA C 10 20.52 23.76 -32.88
CA ALA C 10 19.99 23.98 -31.55
C ALA C 10 18.72 23.18 -31.31
N VAL C 11 18.46 22.91 -30.03
CA VAL C 11 17.20 22.33 -29.58
C VAL C 11 16.07 23.31 -29.85
N PRO C 12 14.93 22.86 -30.39
CA PRO C 12 13.78 23.75 -30.61
C PRO C 12 13.22 24.30 -29.31
N THR C 13 13.24 25.63 -29.18
CA THR C 13 12.96 26.25 -27.90
C THR C 13 11.64 25.77 -27.31
N GLU C 14 10.58 25.79 -28.12
CA GLU C 14 9.31 25.37 -27.56
C GLU C 14 9.22 23.87 -27.32
N SER C 15 10.12 23.05 -27.85
CA SER C 15 10.02 21.61 -27.55
C SER C 15 10.41 21.30 -26.12
N ILE C 16 11.13 22.21 -25.49
CA ILE C 16 11.52 22.02 -24.10
C ILE C 16 10.28 22.13 -23.23
N GLN C 17 10.00 21.07 -22.47
CA GLN C 17 8.86 20.99 -21.57
C GLN C 17 9.34 20.33 -20.28
N GLY C 18 8.75 20.70 -19.15
CA GLY C 18 9.17 20.16 -17.88
C GLY C 18 8.03 19.74 -16.98
N SER C 19 8.18 18.58 -16.34
CA SER C 19 7.28 18.20 -15.26
C SER C 19 7.99 18.36 -13.91
N THR C 20 7.40 19.17 -13.01
CA THR C 20 8.07 19.70 -11.85
C THR C 20 7.46 19.19 -10.57
N PHE C 21 8.31 19.07 -9.55
CA PHE C 21 8.03 18.53 -8.23
C PHE C 21 8.65 19.46 -7.19
N GLU C 22 8.67 19.02 -5.93
CA GLU C 22 9.23 19.90 -4.90
C GLU C 22 10.73 20.03 -5.07
N GLU C 23 11.44 18.91 -5.15
CA GLU C 23 12.88 18.90 -5.14
C GLU C 23 13.45 18.34 -6.43
N LYS C 24 12.62 18.11 -7.43
CA LYS C 24 13.15 17.52 -8.64
C LYS C 24 12.35 18.08 -9.81
N ILE C 25 12.97 18.09 -10.98
CA ILE C 25 12.34 18.50 -12.22
C ILE C 25 12.76 17.56 -13.33
N PHE C 26 11.78 16.98 -14.01
CA PHE C 26 11.97 16.15 -15.20
C PHE C 26 11.92 17.03 -16.43
N LEU C 27 13.05 17.15 -17.09
CA LEU C 27 13.13 17.95 -18.30
C LEU C 27 13.10 17.06 -19.55
N GLN C 28 12.37 17.51 -20.56
CA GLN C 28 12.18 16.73 -21.77
C GLN C 28 12.22 17.67 -22.97
N TRP C 29 12.84 17.22 -24.06
CA TRP C 29 12.98 18.08 -25.23
C TRP C 29 13.03 17.21 -26.48
N ARG C 30 13.25 17.84 -27.62
CA ARG C 30 13.34 17.14 -28.90
C ARG C 30 14.66 17.51 -29.59
N GLU C 31 15.14 16.61 -30.45
CA GLU C 31 16.40 16.78 -31.17
C GLU C 31 16.37 17.99 -32.11
N PRO C 32 17.54 18.55 -32.44
CA PRO C 32 17.57 19.69 -33.38
C PRO C 32 17.00 19.33 -34.75
N THR C 33 16.36 20.31 -35.38
CA THR C 33 15.65 20.10 -36.65
C THR C 33 16.59 19.69 -37.76
N GLN C 34 17.86 20.08 -37.66
CA GLN C 34 18.86 19.72 -38.65
C GLN C 34 20.11 19.27 -37.91
N THR C 35 20.77 18.28 -38.48
CA THR C 35 21.90 17.58 -37.89
C THR C 35 22.43 16.66 -38.97
N TYR C 36 23.75 16.48 -39.00
CA TYR C 36 24.28 15.51 -39.94
C TYR C 36 24.29 14.11 -39.33
N GLY C 37 23.14 13.67 -38.84
CA GLY C 37 22.96 12.29 -38.48
C GLY C 37 23.10 11.92 -37.02
N VAL C 38 24.13 12.41 -36.31
CA VAL C 38 24.49 11.90 -34.98
C VAL C 38 24.67 13.04 -33.98
N ILE C 39 24.13 12.82 -32.78
CA ILE C 39 24.39 13.60 -31.55
C ILE C 39 25.02 12.64 -30.56
N THR C 40 25.97 13.13 -29.78
CA THR C 40 26.66 12.25 -28.86
C THR C 40 26.34 12.50 -27.41
N LEU C 41 26.06 13.75 -27.03
CA LEU C 41 25.61 14.12 -25.69
C LEU C 41 24.91 15.47 -25.75
N TYR C 42 24.17 15.78 -24.68
CA TYR C 42 23.59 17.11 -24.49
C TYR C 42 24.20 17.81 -23.28
N GLU C 43 24.25 19.14 -23.38
CA GLU C 43 24.68 20.03 -22.30
C GLU C 43 23.48 20.75 -21.70
N ILE C 44 23.39 20.77 -20.37
CA ILE C 44 22.38 21.59 -19.69
C ILE C 44 23.01 22.36 -18.53
N THR C 45 22.85 23.68 -18.51
CA THR C 45 23.07 24.51 -17.33
C THR C 45 21.76 24.94 -16.71
N TYR C 46 21.67 24.80 -15.40
CA TYR C 46 20.52 25.30 -14.66
C TYR C 46 20.93 26.39 -13.70
N LYS C 47 20.14 27.45 -13.67
CA LYS C 47 20.43 28.63 -12.87
C LYS C 47 19.13 29.04 -12.21
N ALA C 48 19.12 29.13 -10.87
CA ALA C 48 17.91 29.54 -10.14
C ALA C 48 17.71 31.04 -10.31
N VAL C 49 16.55 31.42 -10.83
CA VAL C 49 16.19 32.81 -11.14
C VAL C 49 15.50 33.50 -9.98
N SER C 50 14.51 32.84 -9.37
CA SER C 50 13.73 33.45 -8.33
C SER C 50 13.18 32.35 -7.44
N SER C 51 12.70 32.75 -6.27
CA SER C 51 12.07 31.80 -5.36
C SER C 51 11.00 32.51 -4.56
N PHE C 52 9.99 31.75 -4.20
CA PHE C 52 9.01 32.23 -3.24
C PHE C 52 9.53 32.15 -1.82
N ASP C 53 10.68 31.51 -1.62
CA ASP C 53 11.27 31.37 -0.29
C ASP C 53 12.05 32.63 0.07
N PRO C 54 11.78 33.24 1.23
CA PRO C 54 12.56 34.44 1.61
C PRO C 54 13.94 34.15 2.20
N GLU C 55 14.18 32.93 2.66
CA GLU C 55 15.30 32.61 3.52
C GLU C 55 16.42 31.87 2.81
N ILE C 56 16.46 31.88 1.49
CA ILE C 56 17.50 31.13 0.79
C ILE C 56 18.27 32.08 -0.10
N ASP C 57 19.59 31.87 -0.15
CA ASP C 57 20.46 32.55 -1.10
C ASP C 57 20.62 31.66 -2.33
N LEU C 58 20.17 32.16 -3.47
CA LEU C 58 20.13 31.40 -4.70
C LEU C 58 21.46 31.36 -5.46
N SER C 59 22.47 32.12 -5.03
CA SER C 59 23.68 32.28 -5.83
C SER C 59 24.37 30.96 -6.15
N ASN C 60 24.38 30.03 -5.19
CA ASN C 60 25.00 28.72 -5.39
C ASN C 60 24.07 27.70 -6.03
N GLN C 61 22.79 28.05 -6.25
CA GLN C 61 21.82 27.12 -6.82
C GLN C 61 21.93 27.09 -8.35
N SER C 62 23.16 26.98 -8.82
CA SER C 62 23.51 26.78 -10.22
C SER C 62 24.21 25.44 -10.38
N GLY C 63 24.28 24.96 -11.62
CA GLY C 63 25.04 23.75 -11.92
C GLY C 63 25.07 23.46 -13.41
N ARG C 64 25.89 22.49 -13.76
CA ARG C 64 26.03 22.07 -15.15
C ARG C 64 25.86 20.56 -15.19
N VAL C 65 25.20 20.08 -16.25
CA VAL C 65 25.04 18.66 -16.47
C VAL C 65 25.47 18.34 -17.89
N SER C 66 26.43 17.45 -18.02
CA SER C 66 26.78 16.83 -19.29
C SER C 66 26.12 15.47 -19.31
N LYS C 67 25.01 15.39 -20.03
CA LYS C 67 24.21 14.17 -20.16
C LYS C 67 24.78 13.41 -21.37
N LEU C 68 25.57 12.36 -21.11
CA LEU C 68 26.05 11.49 -22.19
C LEU C 68 24.86 10.81 -22.85
N GLY C 69 25.01 10.46 -24.12
CA GLY C 69 23.95 9.82 -24.92
C GLY C 69 22.95 10.82 -25.51
N ASN C 70 22.22 10.35 -26.51
CA ASN C 70 21.41 11.27 -27.33
C ASN C 70 19.91 11.16 -27.09
N GLU C 71 19.54 10.70 -25.90
CA GLU C 71 18.15 10.63 -25.47
C GLU C 71 17.75 11.98 -24.87
N THR C 72 16.54 12.42 -25.21
CA THR C 72 16.08 13.80 -25.04
C THR C 72 15.28 14.06 -23.75
N HIS C 73 15.80 13.64 -22.60
CA HIS C 73 15.19 14.00 -21.31
C HIS C 73 16.22 13.90 -20.19
N PHE C 74 15.98 14.63 -19.09
CA PHE C 74 16.79 14.44 -17.88
C PHE C 74 16.01 14.84 -16.63
N LEU C 75 16.17 14.04 -15.59
CA LEU C 75 15.58 14.30 -14.28
C LEU C 75 16.61 14.97 -13.35
N PHE C 76 16.43 16.26 -13.12
CA PHE C 76 17.24 16.97 -12.14
C PHE C 76 16.70 16.68 -10.76
N PHE C 77 17.58 16.41 -9.81
CA PHE C 77 17.13 16.09 -8.46
C PHE C 77 17.96 16.95 -7.52
N GLY C 78 17.48 17.09 -6.29
CA GLY C 78 18.16 17.96 -5.35
C GLY C 78 18.00 19.46 -5.56
N LEU C 79 17.01 19.88 -6.33
CA LEU C 79 16.68 21.30 -6.47
C LEU C 79 15.96 21.82 -5.23
N TYR C 80 15.72 23.12 -5.22
CA TYR C 80 15.08 23.67 -4.04
C TYR C 80 13.61 23.94 -4.29
N PRO C 81 12.73 23.66 -3.34
CA PRO C 81 11.29 23.79 -3.60
C PRO C 81 10.94 25.24 -3.86
N GLY C 82 9.77 25.43 -4.47
CA GLY C 82 9.24 26.77 -4.70
C GLY C 82 10.15 27.71 -5.47
N THR C 83 11.01 27.18 -6.35
CA THR C 83 12.10 27.95 -6.92
C THR C 83 12.03 27.83 -8.44
N THR C 84 12.23 28.95 -9.12
CA THR C 84 12.17 29.00 -10.58
C THR C 84 13.56 28.80 -11.15
N TYR C 85 13.75 27.74 -11.95
CA TYR C 85 15.06 27.40 -12.51
C TYR C 85 15.05 27.60 -14.02
N SER C 86 16.11 28.23 -14.54
CA SER C 86 16.39 28.37 -15.97
C SER C 86 17.32 27.28 -16.47
N PHE C 87 16.89 26.57 -17.51
CA PHE C 87 17.66 25.49 -18.11
C PHE C 87 18.11 25.90 -19.52
N THR C 88 19.39 25.69 -19.84
CA THR C 88 19.92 26.03 -21.17
C THR C 88 20.58 24.81 -21.78
N ILE C 89 20.17 24.44 -23.01
CA ILE C 89 20.56 23.19 -23.65
C ILE C 89 21.43 23.42 -24.89
N ARG C 90 22.56 22.69 -24.99
CA ARG C 90 23.34 22.57 -26.22
C ARG C 90 23.45 21.12 -26.63
N ALA C 91 23.40 20.87 -27.94
CA ALA C 91 23.67 19.54 -28.49
C ALA C 91 25.08 19.45 -29.05
N SER C 92 25.62 18.23 -29.06
CA SER C 92 26.98 18.01 -29.55
C SER C 92 27.06 16.81 -30.48
N THR C 93 27.41 17.07 -31.73
CA THR C 93 27.94 16.04 -32.61
C THR C 93 29.31 15.63 -32.11
N ALA C 94 29.81 14.50 -32.63
CA ALA C 94 31.10 13.99 -32.18
C ALA C 94 32.19 15.06 -32.29
N LYS C 95 32.06 16.02 -33.21
CA LYS C 95 33.02 17.11 -33.37
C LYS C 95 32.66 18.43 -32.68
N GLY C 96 31.52 18.56 -32.00
CA GLY C 96 31.29 19.75 -31.20
C GLY C 96 29.84 20.18 -31.06
N PHE C 97 29.66 21.25 -30.28
CA PHE C 97 28.36 21.78 -29.87
C PHE C 97 27.62 22.53 -30.96
N GLY C 98 26.32 22.41 -30.91
CA GLY C 98 25.43 23.33 -31.55
C GLY C 98 25.11 24.50 -30.63
N PRO C 99 24.27 25.40 -31.11
CA PRO C 99 23.93 26.60 -30.35
C PRO C 99 23.08 26.26 -29.14
N PRO C 100 23.04 27.14 -28.16
CA PRO C 100 22.18 26.91 -27.00
C PRO C 100 20.72 27.19 -27.31
N ALA C 101 19.86 26.57 -26.50
CA ALA C 101 18.46 26.91 -26.37
C ALA C 101 18.14 26.99 -24.88
N THR C 102 17.07 27.73 -24.53
CA THR C 102 16.80 27.96 -23.11
C THR C 102 15.29 28.13 -22.88
N ASN C 103 14.85 27.66 -21.71
CA ASN C 103 13.48 27.71 -21.18
C ASN C 103 13.56 27.55 -19.65
N GLN C 104 12.47 27.87 -18.94
CA GLN C 104 12.55 27.87 -17.48
C GLN C 104 11.27 27.31 -16.86
N PHE C 105 11.43 26.70 -15.68
CA PHE C 105 10.36 25.96 -14.99
C PHE C 105 10.54 26.14 -13.48
N THR C 106 9.49 25.79 -12.71
CA THR C 106 9.47 26.06 -11.26
C THR C 106 9.17 24.81 -10.45
N THR C 107 9.99 24.56 -9.41
CA THR C 107 9.68 23.48 -8.48
C THR C 107 8.45 23.82 -7.67
N LYS C 108 7.70 22.78 -7.30
CA LYS C 108 6.57 22.96 -6.41
C LYS C 108 7.06 23.35 -5.00
N ILE C 109 6.23 24.10 -4.27
CA ILE C 109 6.55 24.47 -2.88
C ILE C 109 6.49 23.23 -1.99
N SER C 110 7.09 23.33 -0.82
CA SER C 110 6.96 22.26 0.17
C SER C 110 6.51 22.86 1.49
N ALA C 111 6.02 21.96 2.35
CA ALA C 111 5.56 22.35 3.67
C ALA C 111 6.70 22.96 4.46
N PRO C 112 6.41 23.91 5.32
CA PRO C 112 7.47 24.42 6.19
C PRO C 112 7.99 23.32 7.11
N SER C 113 9.27 23.47 7.50
CA SER C 113 9.95 22.50 8.33
C SER C 113 9.78 22.87 9.80
N MET C 114 9.20 21.96 10.57
CA MET C 114 8.81 22.28 11.93
C MET C 114 9.97 22.33 12.92
N PRO C 115 9.80 23.02 14.04
CA PRO C 115 10.76 22.88 15.14
C PRO C 115 10.74 21.48 15.72
N ALA C 116 11.85 21.10 16.34
CA ALA C 116 11.94 19.78 16.95
C ALA C 116 11.31 19.80 18.34
N TYR C 117 10.47 18.79 18.61
CA TYR C 117 9.82 18.58 19.91
C TYR C 117 10.04 17.15 20.37
N GLU C 118 10.13 16.97 21.68
CA GLU C 118 10.50 15.69 22.26
C GLU C 118 9.45 15.19 23.23
N LEU C 119 8.24 15.70 23.11
CA LEU C 119 7.19 15.45 24.08
C LEU C 119 7.70 15.73 25.48
N GLU C 120 8.43 16.84 25.60
CA GLU C 120 8.77 17.40 26.90
C GLU C 120 7.47 17.65 27.65
N THR C 121 7.47 17.36 28.95
CA THR C 121 6.30 17.72 29.75
C THR C 121 6.12 19.24 29.71
N PRO C 122 4.88 19.75 29.65
CA PRO C 122 4.66 21.19 29.42
C PRO C 122 5.26 22.11 30.48
N LEU C 123 5.28 23.41 30.14
CA LEU C 123 5.90 24.45 30.99
C LEU C 123 5.12 24.66 32.27
N ASN C 124 3.79 24.73 32.16
CA ASN C 124 2.87 24.60 33.26
C ASN C 124 1.57 24.06 32.70
N GLN C 125 0.76 23.46 33.56
CA GLN C 125 -0.50 22.90 33.13
C GLN C 125 -1.45 22.94 34.32
N THR C 126 -2.74 23.06 34.02
CA THR C 126 -3.82 23.16 35.00
C THR C 126 -4.90 22.15 34.64
N ASP C 127 -6.00 22.13 35.42
CA ASP C 127 -7.18 21.34 35.04
C ASP C 127 -7.72 21.73 33.67
N ASN C 128 -7.63 23.01 33.30
CA ASN C 128 -8.28 23.50 32.09
C ASN C 128 -7.32 24.00 31.02
N THR C 129 -6.03 24.11 31.31
CA THR C 129 -5.11 24.74 30.36
C THR C 129 -3.78 24.01 30.35
N VAL C 130 -3.07 24.18 29.24
CA VAL C 130 -1.72 23.68 29.11
C VAL C 130 -0.92 24.76 28.41
N THR C 131 0.33 24.94 28.85
CA THR C 131 1.21 25.97 28.29
C THR C 131 2.44 25.33 27.67
N VAL C 132 2.74 25.72 26.43
CA VAL C 132 3.84 25.15 25.65
C VAL C 132 4.70 26.26 25.09
N MET C 133 5.95 25.92 24.81
CA MET C 133 6.86 26.83 24.15
C MET C 133 6.78 26.60 22.64
N LEU C 134 6.24 27.59 21.91
CA LEU C 134 6.22 27.54 20.45
C LEU C 134 7.48 28.14 19.86
N LYS C 135 7.88 27.58 18.73
CA LYS C 135 9.03 28.08 18.01
C LYS C 135 8.69 28.23 16.53
N PRO C 136 9.24 29.23 15.85
CA PRO C 136 8.92 29.40 14.44
C PRO C 136 9.48 28.26 13.61
N ALA C 137 8.71 27.80 12.64
CA ALA C 137 9.14 26.87 11.63
C ALA C 137 9.89 27.59 10.51
N HIS C 138 10.65 26.81 9.75
CA HIS C 138 11.48 27.34 8.68
C HIS C 138 10.79 27.13 7.32
N SER C 139 10.88 28.16 6.47
CA SER C 139 10.30 28.09 5.14
C SER C 139 11.04 27.07 4.29
N ARG C 140 10.29 26.34 3.47
CA ARG C 140 10.88 25.46 2.46
C ARG C 140 10.08 25.63 1.15
N GLY C 141 10.41 26.68 0.39
CA GLY C 141 9.86 26.92 -0.92
C GLY C 141 8.94 28.11 -1.00
N ALA C 142 8.35 28.49 0.12
CA ALA C 142 7.39 29.58 0.19
C ALA C 142 7.44 30.13 1.60
N PRO C 143 6.97 31.36 1.82
CA PRO C 143 6.88 31.86 3.20
C PRO C 143 5.91 31.01 4.02
N VAL C 144 6.15 30.97 5.33
CA VAL C 144 5.11 30.45 6.22
C VAL C 144 3.91 31.38 6.15
N SER C 145 2.74 30.82 5.85
CA SER C 145 1.54 31.61 5.66
C SER C 145 0.78 31.78 6.96
N VAL C 146 0.42 30.69 7.63
CA VAL C 146 -0.23 30.74 8.93
C VAL C 146 0.33 29.63 9.82
N TYR C 147 0.28 29.86 11.13
CA TYR C 147 0.46 28.83 12.13
C TYR C 147 -0.91 28.41 12.65
N GLN C 148 -1.06 27.15 13.06
CA GLN C 148 -2.34 26.66 13.56
C GLN C 148 -2.09 25.71 14.72
N ILE C 149 -3.04 25.64 15.64
CA ILE C 149 -2.91 24.74 16.79
C ILE C 149 -4.11 23.81 16.83
N VAL C 150 -3.86 22.51 16.87
CA VAL C 150 -4.88 21.47 16.81
C VAL C 150 -4.96 20.79 18.17
N VAL C 151 -6.16 20.68 18.70
CA VAL C 151 -6.42 19.95 19.94
C VAL C 151 -7.22 18.69 19.61
N GLU C 152 -6.75 17.54 20.08
CA GLU C 152 -7.40 16.28 19.73
C GLU C 152 -7.76 15.49 20.98
N GLU C 153 -9.00 15.05 21.08
CA GLU C 153 -9.39 14.20 22.19
C GLU C 153 -8.86 12.79 22.02
N GLU C 154 -8.58 12.14 23.14
CA GLU C 154 -8.28 10.71 23.14
C GLU C 154 -9.53 9.86 23.12
N ARG C 155 -9.81 9.24 21.97
CA ARG C 155 -10.73 8.12 21.97
C ARG C 155 -10.09 6.95 22.67
N PRO C 156 -10.84 6.24 23.52
CA PRO C 156 -10.28 5.05 24.15
C PRO C 156 -10.04 4.01 23.09
N ARG C 157 -8.91 3.32 23.20
CA ARG C 157 -8.41 2.34 22.25
C ARG C 157 -8.12 1.04 22.97
N ARG C 158 -8.25 -0.06 22.23
CA ARG C 158 -7.83 -1.36 22.71
C ARG C 158 -6.58 -1.85 21.96
N THR C 159 -5.97 -0.98 21.13
CA THR C 159 -4.80 -1.30 20.31
C THR C 159 -3.98 -0.06 19.96
N LYS C 160 -2.65 -0.24 19.90
CA LYS C 160 -1.75 0.77 19.34
C LYS C 160 -1.89 0.87 17.83
N LYS C 161 -2.05 -0.29 17.17
CA LYS C 161 -1.94 -0.42 15.70
C LYS C 161 -2.88 0.55 14.98
N THR C 162 -2.48 0.98 13.78
CA THR C 162 -3.33 1.87 12.98
C THR C 162 -3.80 1.18 11.69
N THR C 163 -4.94 1.65 11.16
CA THR C 163 -5.43 1.21 9.84
C THR C 163 -4.64 1.88 8.72
N GLU C 164 -4.12 3.08 8.94
CA GLU C 164 -3.52 3.89 7.88
C GLU C 164 -2.34 4.72 8.43
N ILE C 165 -1.67 5.41 7.51
CA ILE C 165 -0.62 6.37 7.83
C ILE C 165 -1.15 7.54 8.69
N LEU C 166 -0.29 8.04 9.58
CA LEU C 166 -0.62 9.27 10.30
C LEU C 166 -0.32 10.51 9.44
N LYS C 167 -1.27 11.47 9.47
CA LYS C 167 -1.23 12.69 8.66
C LYS C 167 -1.61 13.90 9.49
N CYS C 168 -1.31 15.08 8.94
CA CYS C 168 -1.65 16.34 9.59
C CYS C 168 -3.10 16.71 9.37
N TYR C 169 -3.46 17.97 9.67
CA TYR C 169 -4.85 18.42 9.80
C TYR C 169 -5.18 19.52 8.79
N PRO C 170 -5.56 19.15 7.55
CA PRO C 170 -5.88 20.14 6.52
C PRO C 170 -7.29 20.72 6.58
N VAL C 171 -8.23 20.07 7.26
CA VAL C 171 -9.60 20.55 7.36
C VAL C 171 -9.74 21.33 8.66
N PRO C 172 -9.88 22.66 8.62
CA PRO C 172 -10.09 23.41 9.87
C PRO C 172 -11.50 23.19 10.46
N ILE C 173 -11.56 23.16 11.79
CA ILE C 173 -12.82 22.93 12.51
C ILE C 173 -12.83 23.80 13.77
N HIS C 174 -13.81 24.69 13.88
CA HIS C 174 -13.97 25.48 15.10
C HIS C 174 -14.62 24.65 16.21
N PHE C 175 -14.26 24.96 17.45
CA PHE C 175 -14.70 24.12 18.56
C PHE C 175 -16.20 23.93 18.62
N GLN C 176 -16.97 25.01 18.45
CA GLN C 176 -18.42 24.95 18.65
C GLN C 176 -19.12 24.02 17.66
N ASN C 177 -18.46 23.61 16.58
CA ASN C 177 -19.01 22.67 15.63
C ASN C 177 -18.50 21.27 15.85
N ALA C 178 -17.46 21.09 16.67
CA ALA C 178 -16.85 19.79 16.84
C ALA C 178 -17.82 18.79 17.45
N SER C 179 -18.54 19.19 18.50
CA SER C 179 -19.50 18.26 19.07
C SER C 179 -20.65 17.96 18.09
N LEU C 180 -21.04 18.96 17.28
CA LEU C 180 -22.11 18.76 16.30
C LEU C 180 -21.71 17.78 15.20
N LEU C 181 -20.46 17.84 14.73
CA LEU C 181 -19.95 16.97 13.69
C LEU C 181 -19.35 15.70 14.25
N ASN C 182 -19.28 15.63 15.57
CA ASN C 182 -18.66 14.54 16.33
C ASN C 182 -17.20 14.35 15.87
N SER C 183 -16.53 15.49 15.67
CA SER C 183 -15.14 15.53 15.22
C SER C 183 -14.22 15.16 16.37
N GLN C 184 -13.13 14.46 16.04
CA GLN C 184 -12.12 14.06 17.02
C GLN C 184 -11.23 15.22 17.47
N TYR C 185 -11.23 16.34 16.75
CA TYR C 185 -10.28 17.43 16.97
C TYR C 185 -10.92 18.78 16.70
N TYR C 186 -10.25 19.84 17.13
CA TYR C 186 -10.61 21.19 16.71
C TYR C 186 -9.36 22.05 16.56
N PHE C 187 -9.48 23.14 15.79
CA PHE C 187 -8.40 24.13 15.72
C PHE C 187 -8.58 25.10 16.90
N ALA C 188 -7.61 25.16 17.81
CA ALA C 188 -7.68 26.06 18.96
C ALA C 188 -7.25 27.49 18.62
N ALA C 189 -6.46 27.71 17.58
CA ALA C 189 -6.02 29.06 17.21
C ALA C 189 -5.44 29.08 15.78
N GLU C 190 -5.34 30.28 15.21
CA GLU C 190 -4.58 30.52 13.99
C GLU C 190 -3.88 31.88 14.09
N PHE C 191 -2.60 31.95 13.64
CA PHE C 191 -1.77 33.18 13.64
C PHE C 191 -1.26 33.45 12.22
N PRO C 192 -1.10 34.71 11.85
CA PRO C 192 -0.20 35.02 10.75
C PRO C 192 1.20 34.73 11.25
N ALA C 193 2.06 34.27 10.35
CA ALA C 193 3.40 33.89 10.77
C ALA C 193 4.24 35.11 11.14
N ASP C 194 3.68 36.32 11.07
CA ASP C 194 4.39 37.47 11.59
C ASP C 194 4.37 37.52 13.12
N SER C 195 3.34 36.96 13.75
CA SER C 195 3.51 36.55 15.13
C SER C 195 4.38 35.30 15.13
N LEU C 196 4.94 34.97 16.27
CA LEU C 196 5.81 33.80 16.34
C LEU C 196 6.98 33.90 15.35
N GLN C 197 7.69 35.04 15.43
CA GLN C 197 9.01 35.17 14.81
C GLN C 197 10.13 34.69 15.73
N ALA C 198 9.82 34.38 16.98
CA ALA C 198 10.80 33.85 17.91
C ALA C 198 10.09 32.92 18.87
N ALA C 199 10.87 32.15 19.61
CA ALA C 199 10.29 31.19 20.56
C ALA C 199 9.45 31.94 21.59
N GLN C 200 8.19 31.55 21.73
CA GLN C 200 7.32 32.28 22.64
C GLN C 200 6.45 31.26 23.36
N PRO C 201 6.18 31.47 24.64
CA PRO C 201 5.27 30.56 25.34
C PRO C 201 3.85 30.80 24.83
N PHE C 202 3.05 29.73 24.84
CA PHE C 202 1.65 29.86 24.48
C PHE C 202 0.84 28.94 25.38
N THR C 203 -0.35 29.40 25.73
CA THR C 203 -1.22 28.68 26.66
C THR C 203 -2.42 28.14 25.88
N ILE C 204 -2.48 26.82 25.74
CA ILE C 204 -3.68 26.17 25.20
C ILE C 204 -4.84 26.37 26.17
N GLY C 205 -5.99 26.78 25.63
CA GLY C 205 -7.18 26.91 26.44
C GLY C 205 -7.33 28.21 27.17
N ASP C 206 -6.61 29.25 26.76
CA ASP C 206 -6.65 30.53 27.46
C ASP C 206 -7.96 31.29 27.25
N ASN C 207 -8.90 30.72 26.52
CA ASN C 207 -10.24 31.26 26.30
C ASN C 207 -10.21 32.49 25.38
N LYS C 208 -9.04 32.91 24.87
CA LYS C 208 -8.97 34.02 23.91
C LYS C 208 -9.29 33.54 22.50
N THR C 209 -9.60 34.49 21.60
CA THR C 209 -9.92 34.18 20.21
C THR C 209 -8.81 34.66 19.28
N TYR C 210 -8.28 33.73 18.46
CA TYR C 210 -7.19 34.01 17.52
C TYR C 210 -7.68 33.75 16.10
N ASN C 211 -7.65 34.79 15.27
CA ASN C 211 -8.11 34.70 13.87
C ASN C 211 -9.48 34.02 13.75
N GLY C 212 -10.35 34.19 14.74
CA GLY C 212 -11.64 33.57 14.65
C GLY C 212 -11.74 32.21 15.30
N TYR C 213 -10.63 31.63 15.79
CA TYR C 213 -10.71 30.35 16.49
C TYR C 213 -10.73 30.56 17.99
N TRP C 214 -11.77 30.05 18.65
CA TRP C 214 -11.92 30.20 20.08
C TRP C 214 -11.06 29.16 20.76
N ASN C 215 -10.13 29.63 21.60
CA ASN C 215 -9.20 28.77 22.32
C ASN C 215 -9.87 28.16 23.54
N THR C 216 -10.86 27.32 23.27
CA THR C 216 -11.69 26.78 24.32
C THR C 216 -10.86 26.10 25.39
N PRO C 217 -11.12 26.38 26.66
CA PRO C 217 -10.45 25.66 27.75
C PRO C 217 -10.77 24.18 27.74
N LEU C 218 -9.87 23.42 28.32
CA LEU C 218 -9.91 21.96 28.39
C LEU C 218 -10.71 21.51 29.61
N LEU C 219 -11.25 20.31 29.52
CA LEU C 219 -12.01 19.56 30.54
C LEU C 219 -11.09 18.64 31.32
N PRO C 220 -11.10 18.69 32.66
CA PRO C 220 -10.15 17.89 33.44
C PRO C 220 -10.34 16.37 33.39
N TYR C 221 -11.53 15.87 33.07
CA TYR C 221 -11.78 14.44 32.93
C TYR C 221 -11.51 13.91 31.52
N LYS C 222 -11.14 14.77 30.56
CA LYS C 222 -10.82 14.37 29.19
C LYS C 222 -9.31 14.39 28.98
N SER C 223 -8.80 13.38 28.29
CA SER C 223 -7.40 13.39 27.85
C SER C 223 -7.26 13.98 26.44
N TYR C 224 -6.19 14.73 26.25
CA TYR C 224 -5.96 15.45 25.02
C TYR C 224 -4.53 15.26 24.55
N ARG C 225 -4.32 15.44 23.24
CA ARG C 225 -2.99 15.66 22.68
C ARG C 225 -3.02 16.83 21.71
N ILE C 226 -1.94 17.59 21.68
CA ILE C 226 -1.92 18.89 21.01
C ILE C 226 -0.82 18.90 19.94
N TYR C 227 -1.16 19.42 18.75
CA TYR C 227 -0.25 19.51 17.62
C TYR C 227 -0.06 20.96 17.22
N PHE C 228 1.16 21.29 16.85
CA PHE C 228 1.52 22.59 16.33
C PHE C 228 1.72 22.42 14.83
N GLN C 229 0.99 23.19 14.03
CA GLN C 229 0.93 22.97 12.60
C GLN C 229 1.23 24.27 11.88
N ALA C 230 1.84 24.17 10.68
CA ALA C 230 2.20 25.33 9.88
C ALA C 230 1.89 25.09 8.42
N ALA C 231 1.62 26.16 7.69
CA ALA C 231 1.21 26.07 6.29
C ALA C 231 1.98 27.08 5.44
N SER C 232 2.19 26.75 4.17
CA SER C 232 2.79 27.68 3.22
C SER C 232 1.93 27.71 1.97
N ARG C 233 1.78 28.90 1.35
CA ARG C 233 0.96 29.08 0.17
C ARG C 233 1.74 29.79 -0.93
N ALA C 234 1.58 29.29 -2.15
CA ALA C 234 1.99 29.98 -3.37
C ALA C 234 1.34 29.30 -4.57
N ASN C 235 1.07 30.10 -5.59
CA ASN C 235 0.58 29.60 -6.88
C ASN C 235 -0.67 28.73 -6.72
N GLY C 236 -1.47 28.96 -5.66
CA GLY C 236 -2.62 28.11 -5.37
C GLY C 236 -2.28 26.75 -4.80
N GLU C 237 -1.01 26.39 -4.81
CA GLU C 237 -0.53 25.22 -4.09
C GLU C 237 -0.47 25.59 -2.63
N THR C 238 -0.95 24.70 -1.76
CA THR C 238 -0.98 24.96 -0.33
C THR C 238 -0.52 23.69 0.40
N LYS C 239 0.47 23.83 1.28
CA LYS C 239 1.14 22.71 1.93
C LYS C 239 1.27 22.92 3.44
N ILE C 240 1.19 21.81 4.21
CA ILE C 240 1.21 21.86 5.68
C ILE C 240 2.13 20.80 6.28
N ASP C 241 2.58 21.08 7.49
CA ASP C 241 3.16 20.05 8.34
C ASP C 241 2.85 20.42 9.79
N CYS C 242 2.97 19.41 10.65
CA CYS C 242 2.56 19.52 12.05
C CYS C 242 3.43 18.57 12.87
N VAL C 243 3.52 18.88 14.18
CA VAL C 243 4.29 18.08 15.14
C VAL C 243 3.58 18.10 16.49
N GLN C 244 3.56 16.95 17.17
CA GLN C 244 2.96 16.88 18.51
C GLN C 244 3.87 17.54 19.55
N VAL C 245 3.28 18.48 20.28
CA VAL C 245 4.02 19.25 21.27
C VAL C 245 3.67 18.90 22.73
N ALA C 246 2.49 18.32 23.02
CA ALA C 246 2.16 18.05 24.42
C ALA C 246 1.03 17.04 24.50
N THR C 247 0.79 16.53 25.71
CA THR C 247 -0.39 15.73 26.04
C THR C 247 -0.92 16.25 27.38
N LYS C 248 -2.23 16.11 27.62
CA LYS C 248 -2.83 16.32 28.93
C LYS C 248 -3.81 15.20 29.26
N GLY C 249 -3.80 14.75 30.51
CA GLY C 249 -4.62 13.61 30.92
C GLY C 249 -5.81 13.89 31.81
N GLY C 250 -6.79 12.98 31.81
CA GLY C 250 -8.01 13.13 32.59
C GLY C 250 -7.99 12.85 34.08
N GLY D 9 -23.22 40.46 7.26
CA GLY D 9 -22.21 41.09 6.41
C GLY D 9 -21.67 40.20 5.29
N ALA D 10 -20.72 40.68 4.47
CA ALA D 10 -20.13 39.85 3.42
C ALA D 10 -18.84 39.12 3.84
N VAL D 11 -18.62 37.96 3.22
CA VAL D 11 -17.36 37.22 3.35
C VAL D 11 -16.27 38.00 2.62
N PRO D 12 -15.08 38.16 3.22
CA PRO D 12 -13.96 38.85 2.58
C PRO D 12 -13.43 38.11 1.35
N THR D 13 -13.44 38.78 0.21
CA THR D 13 -13.04 38.14 -1.04
C THR D 13 -11.68 37.49 -0.90
N GLU D 14 -10.74 38.19 -0.26
CA GLU D 14 -9.37 37.70 -0.15
C GLU D 14 -9.21 36.47 0.76
N SER D 15 -10.21 36.13 1.59
CA SER D 15 -10.09 34.90 2.35
C SER D 15 -10.44 33.66 1.55
N ILE D 16 -11.22 33.83 0.49
CA ILE D 16 -11.70 32.71 -0.31
C ILE D 16 -10.53 32.10 -1.06
N GLN D 17 -10.25 30.84 -0.80
CA GLN D 17 -9.16 30.14 -1.47
C GLN D 17 -9.61 28.71 -1.69
N GLY D 18 -9.11 28.08 -2.75
CA GLY D 18 -9.49 26.73 -3.07
C GLY D 18 -8.31 25.84 -3.42
N SER D 19 -8.33 24.62 -2.89
CA SER D 19 -7.38 23.57 -3.26
C SER D 19 -8.03 22.64 -4.27
N THR D 20 -7.41 22.48 -5.45
CA THR D 20 -8.07 21.93 -6.62
C THR D 20 -7.50 20.58 -7.03
N PHE D 21 -8.38 19.76 -7.59
CA PHE D 21 -8.11 18.40 -8.02
C PHE D 21 -8.67 18.17 -9.42
N GLU D 22 -8.70 16.94 -9.89
CA GLU D 22 -9.21 16.76 -11.24
C GLU D 22 -10.70 17.01 -11.29
N GLU D 23 -11.43 16.40 -10.37
CA GLU D 23 -12.89 16.44 -10.34
C GLU D 23 -13.46 17.02 -9.05
N LYS D 24 -12.63 17.65 -8.22
CA LYS D 24 -13.07 18.15 -6.92
C LYS D 24 -12.36 19.48 -6.65
N ILE D 25 -12.99 20.32 -5.85
CA ILE D 25 -12.36 21.54 -5.36
C ILE D 25 -12.74 21.68 -3.89
N PHE D 26 -11.73 21.77 -3.03
CA PHE D 26 -11.94 22.10 -1.63
C PHE D 26 -11.89 23.61 -1.46
N LEU D 27 -13.02 24.20 -1.19
CA LEU D 27 -13.13 25.64 -1.05
C LEU D 27 -13.14 26.06 0.42
N GLN D 28 -12.45 27.15 0.70
CA GLN D 28 -12.30 27.56 2.07
C GLN D 28 -12.33 29.08 2.17
N TRP D 29 -12.91 29.59 3.25
CA TRP D 29 -13.02 31.03 3.43
C TRP D 29 -13.03 31.34 4.92
N ARG D 30 -13.21 32.62 5.24
CA ARG D 30 -13.32 33.05 6.63
C ARG D 30 -14.58 33.91 6.78
N GLU D 31 -15.09 33.95 8.01
CA GLU D 31 -16.33 34.64 8.35
C GLU D 31 -16.23 36.14 8.07
N PRO D 32 -17.38 36.82 7.88
CA PRO D 32 -17.38 38.28 7.66
C PRO D 32 -16.77 39.12 8.78
N THR D 33 -16.10 40.21 8.39
CA THR D 33 -15.27 40.98 9.33
C THR D 33 -16.04 41.67 10.45
N GLN D 34 -17.32 41.95 10.29
CA GLN D 34 -18.07 42.62 11.35
C GLN D 34 -19.33 41.80 11.63
N THR D 35 -19.71 41.74 12.90
CA THR D 35 -20.58 40.67 13.36
C THR D 35 -21.95 41.27 13.67
N TYR D 36 -22.86 41.04 12.72
CA TYR D 36 -24.31 41.17 12.87
C TYR D 36 -24.83 39.81 13.31
N GLY D 37 -24.95 39.61 14.62
CA GLY D 37 -25.49 38.40 15.22
C GLY D 37 -24.71 37.14 14.84
N VAL D 38 -25.43 36.00 14.87
CA VAL D 38 -24.85 34.67 14.67
C VAL D 38 -25.03 34.24 13.22
N ILE D 39 -24.04 33.56 12.69
CA ILE D 39 -24.17 33.00 11.37
C ILE D 39 -24.91 31.67 11.45
N THR D 40 -25.80 31.46 10.50
CA THR D 40 -26.66 30.29 10.46
C THR D 40 -26.37 29.39 9.28
N LEU D 41 -25.98 29.97 8.15
CA LEU D 41 -25.61 29.18 6.99
C LEU D 41 -24.79 30.04 6.03
N TYR D 42 -24.09 29.35 5.12
CA TYR D 42 -23.54 29.96 3.93
C TYR D 42 -24.23 29.36 2.70
N GLU D 43 -24.57 30.20 1.72
CA GLU D 43 -25.11 29.75 0.45
C GLU D 43 -24.08 30.10 -0.63
N ILE D 44 -23.77 29.12 -1.47
CA ILE D 44 -22.77 29.27 -2.53
C ILE D 44 -23.41 28.83 -3.83
N THR D 45 -23.30 29.65 -4.87
CA THR D 45 -23.56 29.24 -6.24
C THR D 45 -22.25 29.03 -6.98
N TYR D 46 -22.15 27.91 -7.68
CA TYR D 46 -21.01 27.62 -8.54
C TYR D 46 -21.44 27.61 -10.01
N LYS D 47 -20.66 28.28 -10.84
CA LYS D 47 -20.98 28.39 -12.25
C LYS D 47 -19.68 28.20 -13.03
N ALA D 48 -19.66 27.26 -13.97
CA ALA D 48 -18.46 27.04 -14.77
C ALA D 48 -18.26 28.18 -15.77
N VAL D 49 -17.13 28.85 -15.69
CA VAL D 49 -16.86 30.01 -16.54
C VAL D 49 -16.19 29.58 -17.84
N SER D 50 -15.16 28.76 -17.74
CA SER D 50 -14.36 28.40 -18.90
C SER D 50 -13.74 27.02 -18.69
N SER D 51 -13.24 26.45 -19.78
CA SER D 51 -12.55 25.18 -19.71
C SER D 51 -11.49 25.12 -20.79
N PHE D 52 -10.44 24.37 -20.51
CA PHE D 52 -9.46 24.04 -21.53
C PHE D 52 -9.95 22.97 -22.47
N ASP D 53 -11.05 22.35 -22.16
CA ASP D 53 -11.60 21.28 -22.97
C ASP D 53 -12.35 21.88 -24.15
N PRO D 54 -12.08 21.41 -25.40
CA PRO D 54 -12.79 22.00 -26.54
C PRO D 54 -14.27 21.64 -26.60
N GLU D 55 -14.60 20.36 -26.61
CA GLU D 55 -15.98 19.94 -26.92
C GLU D 55 -16.80 19.66 -25.67
N ILE D 56 -16.81 20.61 -24.72
CA ILE D 56 -17.48 20.48 -23.43
C ILE D 56 -18.67 21.44 -23.35
N ASP D 57 -19.79 20.97 -22.78
CA ASP D 57 -20.94 21.84 -22.54
C ASP D 57 -20.96 22.27 -21.08
N LEU D 58 -20.81 23.58 -20.85
CA LEU D 58 -20.80 24.17 -19.51
C LEU D 58 -22.18 24.58 -18.96
N SER D 59 -23.24 24.56 -19.76
CA SER D 59 -24.54 25.13 -19.35
C SER D 59 -25.12 24.42 -18.13
N ASN D 60 -24.93 23.12 -18.05
CA ASN D 60 -25.43 22.35 -16.95
C ASN D 60 -24.48 22.33 -15.76
N GLN D 61 -23.26 22.83 -15.93
CA GLN D 61 -22.26 22.77 -14.87
C GLN D 61 -22.35 23.95 -13.90
N SER D 62 -23.57 24.30 -13.48
CA SER D 62 -23.90 25.28 -12.46
C SER D 62 -24.62 24.58 -11.32
N GLY D 63 -24.69 25.23 -10.17
CA GLY D 63 -25.41 24.61 -9.08
C GLY D 63 -25.55 25.52 -7.88
N ARG D 64 -26.24 25.00 -6.88
CA ARG D 64 -26.44 25.70 -5.61
C ARG D 64 -25.96 24.79 -4.50
N VAL D 65 -25.32 25.38 -3.49
CA VAL D 65 -24.98 24.70 -2.25
C VAL D 65 -25.40 25.60 -1.10
N SER D 66 -26.32 25.11 -0.30
CA SER D 66 -26.70 25.74 0.96
C SER D 66 -26.15 24.86 2.08
N LYS D 67 -25.06 25.30 2.69
CA LYS D 67 -24.38 24.62 3.80
C LYS D 67 -24.90 25.16 5.13
N LEU D 68 -25.70 24.38 5.84
CA LEU D 68 -26.06 24.78 7.20
C LEU D 68 -24.87 24.77 8.18
N GLY D 69 -24.98 25.62 9.21
CA GLY D 69 -23.91 25.81 10.17
C GLY D 69 -22.91 26.86 9.73
N ASN D 70 -22.07 27.26 10.67
CA ASN D 70 -21.24 28.43 10.47
C ASN D 70 -19.74 28.10 10.31
N GLU D 71 -19.45 26.87 9.87
CA GLU D 71 -18.10 26.42 9.54
C GLU D 71 -17.74 26.81 8.12
N THR D 72 -16.52 27.26 7.94
CA THR D 72 -16.15 28.01 6.74
C THR D 72 -15.39 27.18 5.70
N HIS D 73 -15.88 25.98 5.38
CA HIS D 73 -15.30 25.26 4.26
C HIS D 73 -16.33 24.33 3.62
N PHE D 74 -16.10 23.97 2.36
CA PHE D 74 -16.94 22.99 1.70
C PHE D 74 -16.18 22.26 0.60
N LEU D 75 -16.41 20.96 0.51
CA LEU D 75 -15.80 20.15 -0.54
C LEU D 75 -16.79 19.95 -1.68
N PHE D 76 -16.58 20.65 -2.78
CA PHE D 76 -17.33 20.43 -4.00
C PHE D 76 -16.73 19.26 -4.75
N PHE D 77 -17.57 18.33 -5.17
CA PHE D 77 -17.11 17.13 -5.85
C PHE D 77 -18.02 16.84 -7.01
N GLY D 78 -17.55 15.99 -7.92
CA GLY D 78 -18.25 15.77 -9.17
C GLY D 78 -18.07 16.89 -10.18
N LEU D 79 -17.05 17.72 -9.99
CA LEU D 79 -16.72 18.73 -10.96
C LEU D 79 -16.03 18.11 -12.19
N TYR D 80 -15.85 18.91 -13.19
CA TYR D 80 -15.26 18.49 -14.44
C TYR D 80 -13.82 19.03 -14.59
N PRO D 81 -12.89 18.23 -15.12
CA PRO D 81 -11.48 18.62 -15.16
C PRO D 81 -11.19 19.83 -16.05
N GLY D 82 -10.04 20.44 -15.82
CA GLY D 82 -9.51 21.56 -16.61
C GLY D 82 -10.41 22.76 -16.76
N THR D 83 -11.29 23.00 -15.80
CA THR D 83 -12.42 23.91 -15.94
C THR D 83 -12.42 24.91 -14.79
N THR D 84 -12.66 26.17 -15.14
CA THR D 84 -12.64 27.26 -14.17
C THR D 84 -14.04 27.47 -13.61
N TYR D 85 -14.19 27.37 -12.30
CA TYR D 85 -15.48 27.52 -11.66
C TYR D 85 -15.53 28.83 -10.89
N SER D 86 -16.57 29.60 -11.11
CA SER D 86 -16.81 30.81 -10.33
C SER D 86 -17.74 30.44 -9.18
N PHE D 87 -17.31 30.76 -7.96
CA PHE D 87 -18.05 30.52 -6.73
C PHE D 87 -18.53 31.84 -6.17
N THR D 88 -19.80 31.92 -5.81
CA THR D 88 -20.33 33.13 -5.22
C THR D 88 -20.93 32.76 -3.87
N ILE D 89 -20.45 33.42 -2.81
CA ILE D 89 -20.80 33.07 -1.44
C ILE D 89 -21.64 34.18 -0.84
N ARG D 90 -22.77 33.80 -0.26
CA ARG D 90 -23.61 34.68 0.53
C ARG D 90 -23.56 34.19 1.98
N ALA D 91 -23.48 35.13 2.91
CA ALA D 91 -23.55 34.81 4.34
C ALA D 91 -24.98 34.99 4.82
N SER D 92 -25.32 34.28 5.90
CA SER D 92 -26.68 34.35 6.47
C SER D 92 -26.58 34.62 7.96
N THR D 93 -27.00 35.82 8.37
CA THR D 93 -27.40 36.13 9.74
C THR D 93 -28.74 35.42 10.01
N ALA D 94 -29.05 35.24 11.30
CA ALA D 94 -30.32 34.62 11.67
C ALA D 94 -31.50 35.40 11.08
N LYS D 95 -31.30 36.68 10.81
CA LYS D 95 -32.27 37.60 10.26
C LYS D 95 -32.24 37.65 8.72
N GLY D 96 -31.31 36.97 8.06
CA GLY D 96 -31.31 36.93 6.60
C GLY D 96 -29.91 36.91 6.01
N PHE D 97 -29.87 36.89 4.67
CA PHE D 97 -28.60 36.81 3.92
C PHE D 97 -27.85 38.12 3.97
N GLY D 98 -26.53 38.03 4.02
CA GLY D 98 -25.63 39.12 3.75
C GLY D 98 -25.28 39.27 2.28
N PRO D 99 -24.42 40.24 2.00
CA PRO D 99 -24.03 40.51 0.61
C PRO D 99 -23.18 39.38 0.06
N PRO D 100 -23.15 39.22 -1.24
CA PRO D 100 -22.31 38.17 -1.85
C PRO D 100 -20.85 38.60 -1.92
N ALA D 101 -19.97 37.61 -1.99
CA ALA D 101 -18.59 37.79 -2.43
C ALA D 101 -18.28 36.68 -3.43
N THR D 102 -17.27 36.88 -4.29
CA THR D 102 -17.07 35.87 -5.33
C THR D 102 -15.60 35.76 -5.74
N ASN D 103 -15.20 34.54 -6.16
CA ASN D 103 -13.86 34.19 -6.60
C ASN D 103 -13.90 32.93 -7.50
N GLN D 104 -12.81 32.64 -8.22
CA GLN D 104 -12.84 31.50 -9.13
C GLN D 104 -11.54 30.69 -9.09
N PHE D 105 -11.68 29.39 -9.36
CA PHE D 105 -10.61 28.41 -9.28
C PHE D 105 -10.80 27.38 -10.38
N THR D 106 -9.75 26.59 -10.64
CA THR D 106 -9.75 25.68 -11.78
C THR D 106 -9.38 24.27 -11.32
N THR D 107 -10.17 23.29 -11.74
CA THR D 107 -9.84 21.90 -11.51
C THR D 107 -8.63 21.47 -12.32
N LYS D 108 -7.89 20.51 -11.77
CA LYS D 108 -6.77 19.91 -12.49
C LYS D 108 -7.31 19.12 -13.68
N ILE D 109 -6.51 19.04 -14.77
CA ILE D 109 -6.87 18.23 -15.93
C ILE D 109 -6.79 16.76 -15.57
N SER D 110 -7.35 15.90 -16.39
CA SER D 110 -7.20 14.48 -16.21
C SER D 110 -6.64 13.89 -17.48
N ALA D 111 -6.14 12.66 -17.37
CA ALA D 111 -5.64 11.98 -18.55
C ALA D 111 -6.79 11.83 -19.54
N PRO D 112 -6.51 11.93 -20.84
CA PRO D 112 -7.56 11.66 -21.82
C PRO D 112 -7.99 10.22 -21.68
N SER D 113 -9.25 10.00 -22.04
CA SER D 113 -9.86 8.69 -21.95
C SER D 113 -9.61 7.95 -23.24
N MET D 114 -8.96 6.84 -23.14
CA MET D 114 -8.60 6.14 -24.35
C MET D 114 -9.80 5.42 -24.97
N PRO D 115 -9.74 5.13 -26.27
CA PRO D 115 -10.73 4.24 -26.88
C PRO D 115 -10.63 2.84 -26.30
N ALA D 116 -11.75 2.12 -26.39
CA ALA D 116 -11.85 0.76 -25.87
C ALA D 116 -11.27 -0.26 -26.84
N TYR D 117 -10.44 -1.18 -26.33
CA TYR D 117 -9.85 -2.26 -27.11
C TYR D 117 -9.99 -3.61 -26.41
N GLU D 118 -10.04 -4.68 -27.20
CA GLU D 118 -10.23 -6.03 -26.67
C GLU D 118 -9.14 -7.02 -27.08
N LEU D 119 -7.97 -6.54 -27.49
CA LEU D 119 -6.96 -7.39 -28.08
C LEU D 119 -7.55 -8.23 -29.20
N GLU D 120 -8.33 -7.57 -30.03
CA GLU D 120 -8.70 -8.14 -31.31
C GLU D 120 -7.44 -8.47 -32.10
N THR D 121 -7.51 -9.53 -32.90
CA THR D 121 -6.42 -9.87 -33.81
C THR D 121 -6.15 -8.66 -34.72
N PRO D 122 -4.88 -8.33 -34.98
CA PRO D 122 -4.58 -7.13 -35.77
C PRO D 122 -5.17 -7.17 -37.18
N LEU D 123 -5.13 -6.02 -37.86
CA LEU D 123 -5.67 -5.92 -39.21
C LEU D 123 -4.81 -6.73 -40.18
N ASN D 124 -3.49 -6.60 -40.06
CA ASN D 124 -2.57 -7.55 -40.66
C ASN D 124 -1.31 -7.55 -39.83
N GLN D 125 -0.51 -8.59 -40.03
CA GLN D 125 0.67 -8.84 -39.23
C GLN D 125 1.72 -9.52 -40.08
N THR D 126 2.98 -9.17 -39.88
CA THR D 126 4.03 -9.80 -40.65
C THR D 126 5.12 -10.22 -39.68
N ASP D 127 6.17 -10.84 -40.20
CA ASP D 127 7.33 -11.11 -39.38
C ASP D 127 7.93 -9.82 -38.85
N ASN D 128 7.80 -8.72 -39.61
CA ASN D 128 8.43 -7.47 -39.26
C ASN D 128 7.43 -6.41 -38.84
N THR D 129 6.13 -6.63 -39.03
CA THR D 129 5.17 -5.55 -38.81
C THR D 129 3.88 -6.11 -38.23
N VAL D 130 3.14 -5.20 -37.60
CA VAL D 130 1.77 -5.42 -37.19
C VAL D 130 1.05 -4.13 -37.53
N THR D 131 -0.14 -4.23 -38.07
CA THR D 131 -0.91 -3.05 -38.42
C THR D 131 -2.21 -3.06 -37.61
N VAL D 132 -2.50 -1.93 -36.96
CA VAL D 132 -3.62 -1.82 -36.05
C VAL D 132 -4.44 -0.59 -36.40
N MET D 133 -5.70 -0.61 -35.99
CA MET D 133 -6.58 0.54 -36.13
C MET D 133 -6.48 1.44 -34.89
N LEU D 134 -5.93 2.65 -35.07
CA LEU D 134 -5.95 3.66 -34.02
C LEU D 134 -7.20 4.52 -34.15
N LYS D 135 -7.76 4.91 -33.02
CA LYS D 135 -8.87 5.83 -33.02
C LYS D 135 -8.61 6.91 -31.97
N PRO D 136 -9.09 8.13 -32.20
CA PRO D 136 -8.77 9.21 -31.28
C PRO D 136 -9.37 8.97 -29.92
N ALA D 137 -8.59 9.31 -28.91
CA ALA D 137 -9.02 9.36 -27.53
C ALA D 137 -9.78 10.66 -27.28
N HIS D 138 -10.53 10.66 -26.19
CA HIS D 138 -11.36 11.79 -25.83
C HIS D 138 -10.70 12.60 -24.72
N SER D 139 -10.72 13.93 -24.87
CA SER D 139 -10.18 14.85 -23.87
C SER D 139 -11.02 14.87 -22.60
N ARG D 140 -10.35 14.95 -21.47
CA ARG D 140 -11.06 15.18 -20.21
C ARG D 140 -10.32 16.27 -19.43
N GLY D 141 -10.58 17.51 -19.81
CA GLY D 141 -10.06 18.70 -19.15
C GLY D 141 -9.18 19.56 -20.05
N ALA D 142 -8.53 18.94 -21.02
CA ALA D 142 -7.70 19.64 -22.01
C ALA D 142 -7.64 18.74 -23.23
N PRO D 143 -7.43 19.29 -24.42
CA PRO D 143 -7.29 18.45 -25.62
C PRO D 143 -6.09 17.53 -25.54
N VAL D 144 -6.17 16.42 -26.27
CA VAL D 144 -4.99 15.58 -26.47
C VAL D 144 -3.93 16.39 -27.20
N SER D 145 -2.73 16.41 -26.63
CA SER D 145 -1.63 17.16 -27.21
C SER D 145 -0.87 16.31 -28.23
N VAL D 146 -0.41 15.13 -27.82
CA VAL D 146 0.26 14.20 -28.72
C VAL D 146 -0.21 12.78 -28.42
N TYR D 147 -0.18 11.93 -29.45
CA TYR D 147 -0.31 10.49 -29.28
C TYR D 147 1.07 9.85 -29.31
N GLN D 148 1.19 8.74 -28.59
CA GLN D 148 2.45 8.00 -28.56
C GLN D 148 2.15 6.51 -28.63
N ILE D 149 3.09 5.78 -29.23
CA ILE D 149 2.99 4.35 -29.45
C ILE D 149 4.15 3.67 -28.76
N VAL D 150 3.84 2.73 -27.87
CA VAL D 150 4.82 2.05 -27.05
C VAL D 150 4.91 0.61 -27.53
N VAL D 151 6.14 0.16 -27.80
CA VAL D 151 6.41 -1.23 -28.16
C VAL D 151 7.17 -1.84 -26.98
N GLU D 152 6.66 -2.95 -26.45
CA GLU D 152 7.26 -3.56 -25.28
C GLU D 152 7.57 -5.02 -25.59
N GLU D 153 8.81 -5.44 -25.37
CA GLU D 153 9.18 -6.84 -25.51
C GLU D 153 8.67 -7.65 -24.32
N GLU D 154 8.20 -8.87 -24.60
CA GLU D 154 7.91 -9.82 -23.53
C GLU D 154 9.19 -10.49 -23.08
N ARG D 155 9.62 -10.12 -21.88
CA ARG D 155 10.64 -10.89 -21.20
C ARG D 155 10.03 -12.22 -20.74
N PRO D 156 10.82 -13.28 -20.68
CA PRO D 156 10.30 -14.51 -20.09
C PRO D 156 9.99 -14.27 -18.62
N ARG D 157 8.86 -14.80 -18.18
CA ARG D 157 8.38 -14.62 -16.82
C ARG D 157 8.05 -16.02 -16.29
N ARG D 158 8.20 -16.22 -14.98
CA ARG D 158 7.84 -17.47 -14.33
C ARG D 158 6.60 -17.30 -13.47
N THR D 159 6.00 -16.11 -13.52
CA THR D 159 4.81 -15.81 -12.75
C THR D 159 4.05 -14.66 -13.41
N LYS D 160 2.73 -14.73 -13.30
CA LYS D 160 1.84 -13.63 -13.67
C LYS D 160 1.97 -12.45 -12.73
N LYS D 161 2.18 -12.75 -11.45
CA LYS D 161 2.09 -11.79 -10.36
C LYS D 161 3.00 -10.59 -10.59
N THR D 162 2.55 -9.44 -10.08
CA THR D 162 3.35 -8.24 -10.08
C THR D 162 3.57 -7.80 -8.64
N THR D 163 4.68 -7.09 -8.41
CA THR D 163 4.92 -6.38 -7.16
C THR D 163 4.16 -5.06 -7.08
N GLU D 164 3.79 -4.50 -8.23
CA GLU D 164 3.34 -3.12 -8.31
C GLU D 164 2.13 -3.02 -9.24
N ILE D 165 1.47 -1.86 -9.16
CA ILE D 165 0.42 -1.49 -10.08
C ILE D 165 0.95 -1.33 -11.50
N LEU D 166 0.07 -1.66 -12.46
CA LEU D 166 0.37 -1.38 -13.87
C LEU D 166 0.15 0.11 -14.17
N LYS D 167 1.11 0.71 -14.88
CA LYS D 167 1.16 2.14 -15.13
C LYS D 167 1.50 2.36 -16.59
N CYS D 168 1.20 3.56 -17.07
CA CYS D 168 1.57 3.90 -18.44
C CYS D 168 3.04 4.34 -18.57
N TYR D 169 3.40 4.96 -19.69
CA TYR D 169 4.80 5.15 -20.11
C TYR D 169 5.10 6.64 -20.21
N PRO D 170 5.43 7.28 -19.07
CA PRO D 170 5.76 8.71 -19.07
C PRO D 170 7.16 9.06 -19.52
N VAL D 171 8.11 8.11 -19.53
CA VAL D 171 9.48 8.37 -19.95
C VAL D 171 9.65 7.93 -21.40
N PRO D 172 9.83 8.85 -22.35
CA PRO D 172 10.06 8.45 -23.74
C PRO D 172 11.44 7.83 -23.96
N ILE D 173 11.51 6.85 -24.86
CA ILE D 173 12.76 6.16 -25.17
C ILE D 173 12.85 5.88 -26.67
N HIS D 174 13.91 6.37 -27.32
CA HIS D 174 14.15 6.03 -28.71
C HIS D 174 14.76 4.63 -28.81
N PHE D 175 14.42 3.95 -29.90
CA PHE D 175 14.90 2.59 -30.10
C PHE D 175 16.41 2.51 -30.02
N GLN D 176 17.11 3.49 -30.63
CA GLN D 176 18.56 3.44 -30.69
C GLN D 176 19.21 3.48 -29.31
N ASN D 177 18.50 3.89 -28.28
CA ASN D 177 19.01 3.90 -26.92
C ASN D 177 18.42 2.80 -26.04
N ALA D 178 17.40 2.08 -26.51
CA ALA D 178 16.71 1.13 -25.64
C ALA D 178 17.65 0.05 -25.15
N SER D 179 18.50 -0.45 -26.06
CA SER D 179 19.47 -1.46 -25.68
C SER D 179 20.48 -0.91 -24.69
N LEU D 180 20.82 0.37 -24.82
CA LEU D 180 21.78 0.97 -23.90
C LEU D 180 21.20 1.10 -22.49
N LEU D 181 19.91 1.41 -22.39
CA LEU D 181 19.22 1.64 -21.11
C LEU D 181 18.62 0.37 -20.50
N ASN D 182 18.69 -0.79 -21.16
CA ASN D 182 18.08 -2.03 -20.66
C ASN D 182 16.60 -1.84 -20.43
N SER D 183 15.96 -1.10 -21.35
CA SER D 183 14.51 -0.85 -21.33
C SER D 183 13.68 -2.02 -21.87
N GLN D 184 12.50 -2.29 -21.27
CA GLN D 184 11.57 -3.22 -21.90
C GLN D 184 10.85 -2.65 -23.10
N TYR D 185 10.89 -1.32 -23.33
CA TYR D 185 10.02 -0.69 -24.31
C TYR D 185 10.73 0.44 -25.03
N TYR D 186 10.14 0.85 -26.14
CA TYR D 186 10.55 2.07 -26.82
C TYR D 186 9.29 2.73 -27.41
N PHE D 187 9.41 4.03 -27.65
CA PHE D 187 8.38 4.78 -28.33
C PHE D 187 8.57 4.55 -29.83
N ALA D 188 7.60 3.90 -30.49
CA ALA D 188 7.73 3.64 -31.92
C ALA D 188 7.37 4.85 -32.76
N ALA D 189 6.52 5.75 -32.26
CA ALA D 189 6.12 6.92 -33.02
C ALA D 189 5.50 7.95 -32.07
N GLU D 190 5.41 9.19 -32.54
CA GLU D 190 4.62 10.22 -31.86
C GLU D 190 3.96 11.10 -32.93
N PHE D 191 2.68 11.46 -32.75
CA PHE D 191 1.89 12.28 -33.68
C PHE D 191 1.31 13.50 -32.97
N PRO D 192 1.23 14.63 -33.66
CA PRO D 192 0.34 15.68 -33.19
C PRO D 192 -1.09 15.23 -33.37
N ALA D 193 -1.94 15.70 -32.46
CA ALA D 193 -3.34 15.32 -32.50
C ALA D 193 -4.07 15.92 -33.70
N ASP D 194 -3.36 16.66 -34.57
CA ASP D 194 -3.96 17.01 -35.86
C ASP D 194 -4.00 15.79 -36.76
N SER D 195 -3.03 14.90 -36.63
CA SER D 195 -3.23 13.55 -37.14
C SER D 195 -4.17 12.81 -36.21
N LEU D 196 -4.74 11.74 -36.74
CA LEU D 196 -5.68 10.90 -36.00
C LEU D 196 -6.84 11.75 -35.49
N GLN D 197 -7.48 12.47 -36.43
CA GLN D 197 -8.73 13.10 -36.09
C GLN D 197 -9.88 12.12 -36.21
N ALA D 198 -9.65 10.97 -36.84
CA ALA D 198 -10.63 9.91 -36.95
C ALA D 198 -9.86 8.60 -37.09
N ALA D 199 -10.58 7.48 -36.99
CA ALA D 199 -9.94 6.16 -37.03
C ALA D 199 -9.15 5.95 -38.31
N GLN D 200 -7.87 5.59 -38.15
CA GLN D 200 -6.91 5.38 -39.23
C GLN D 200 -6.04 4.18 -38.88
N PRO D 201 -5.70 3.34 -39.86
CA PRO D 201 -4.79 2.22 -39.57
C PRO D 201 -3.38 2.74 -39.39
N PHE D 202 -2.60 2.03 -38.60
CA PHE D 202 -1.19 2.32 -38.44
C PHE D 202 -0.38 1.04 -38.40
N THR D 203 0.80 1.08 -39.02
CA THR D 203 1.64 -0.10 -39.12
C THR D 203 2.88 0.08 -38.27
N ILE D 204 2.95 -0.67 -37.17
CA ILE D 204 4.18 -0.72 -36.37
C ILE D 204 5.28 -1.31 -37.21
N GLY D 205 6.44 -0.65 -37.21
CA GLY D 205 7.57 -1.15 -37.95
C GLY D 205 7.62 -0.74 -39.40
N ASP D 206 6.87 0.29 -39.79
CA ASP D 206 6.84 0.73 -41.18
C ASP D 206 8.13 1.45 -41.59
N ASN D 207 9.08 1.60 -40.67
CA ASN D 207 10.40 2.13 -40.90
C ASN D 207 10.39 3.63 -41.21
N LYS D 208 9.25 4.30 -41.16
CA LYS D 208 9.23 5.75 -41.23
C LYS D 208 9.56 6.34 -39.85
N THR D 209 9.87 7.63 -39.84
CA THR D 209 10.20 8.35 -38.62
C THR D 209 9.12 9.36 -38.26
N TYR D 210 8.61 9.27 -37.02
CA TYR D 210 7.53 10.16 -36.57
C TYR D 210 8.00 11.00 -35.38
N ASN D 211 7.95 12.34 -35.54
CA ASN D 211 8.40 13.29 -34.50
C ASN D 211 9.76 12.94 -33.90
N GLY D 212 10.64 12.34 -34.70
CA GLY D 212 11.92 11.96 -34.17
C GLY D 212 11.99 10.54 -33.63
N TYR D 213 10.88 9.82 -33.61
CA TYR D 213 10.89 8.43 -33.18
C TYR D 213 10.88 7.53 -34.42
N TRP D 214 11.88 6.66 -34.52
CA TRP D 214 12.00 5.77 -35.66
C TRP D 214 11.11 4.55 -35.44
N ASN D 215 10.21 4.30 -36.38
CA ASN D 215 9.30 3.16 -36.29
C ASN D 215 10.04 1.86 -36.68
N THR D 216 10.99 1.50 -35.83
CA THR D 216 11.87 0.39 -36.10
C THR D 216 11.09 -0.89 -36.40
N PRO D 217 11.46 -1.63 -37.43
CA PRO D 217 10.84 -2.93 -37.68
C PRO D 217 11.04 -3.89 -36.51
N LEU D 218 10.12 -4.82 -36.39
CA LEU D 218 10.15 -5.81 -35.31
C LEU D 218 11.00 -7.01 -35.64
N LEU D 219 11.48 -7.65 -34.60
CA LEU D 219 12.24 -8.86 -34.76
C LEU D 219 11.26 -10.03 -34.78
N PRO D 220 11.27 -10.85 -35.81
CA PRO D 220 10.27 -11.91 -35.89
C PRO D 220 10.41 -12.98 -34.83
N TYR D 221 11.57 -13.15 -34.23
CA TYR D 221 11.71 -14.16 -33.19
C TYR D 221 11.36 -13.64 -31.80
N LYS D 222 11.02 -12.36 -31.66
CA LYS D 222 10.69 -11.80 -30.35
C LYS D 222 9.20 -11.56 -30.22
N SER D 223 8.70 -11.77 -29.01
CA SER D 223 7.34 -11.45 -28.62
C SER D 223 7.25 -10.00 -28.17
N TYR D 224 6.16 -9.35 -28.57
CA TYR D 224 5.95 -7.95 -28.30
C TYR D 224 4.51 -7.77 -27.86
N ARG D 225 4.26 -6.69 -27.10
CA ARG D 225 2.92 -6.14 -26.93
C ARG D 225 2.90 -4.63 -27.10
N ILE D 226 1.84 -4.09 -27.69
CA ILE D 226 1.86 -2.72 -28.19
C ILE D 226 0.77 -1.91 -27.49
N TYR D 227 1.12 -0.68 -27.09
CA TYR D 227 0.21 0.22 -26.38
C TYR D 227 -0.03 1.49 -27.15
N PHE D 228 -1.27 1.98 -27.07
CA PHE D 228 -1.66 3.26 -27.63
C PHE D 228 -1.79 4.22 -26.44
N GLN D 229 -1.02 5.30 -26.48
CA GLN D 229 -0.91 6.22 -25.36
C GLN D 229 -1.21 7.63 -25.85
N ALA D 230 -1.81 8.43 -25.00
CA ALA D 230 -2.18 9.78 -25.35
C ALA D 230 -1.86 10.71 -24.17
N ALA D 231 -1.60 11.97 -24.49
CA ALA D 231 -1.24 12.95 -23.47
C ALA D 231 -2.06 14.21 -23.65
N SER D 232 -2.38 14.83 -22.52
CA SER D 232 -3.03 16.11 -22.51
C SER D 232 -2.16 17.00 -21.65
N ARG D 233 -1.93 18.21 -22.11
CA ARG D 233 -1.05 19.12 -21.40
C ARG D 233 -1.79 20.43 -21.28
N ALA D 234 -1.79 21.02 -20.09
CA ALA D 234 -2.28 22.37 -19.92
C ALA D 234 -1.77 22.93 -18.61
N ASN D 235 -1.52 24.24 -18.61
CA ASN D 235 -1.10 24.96 -17.42
C ASN D 235 0.15 24.28 -16.81
N GLY D 236 0.94 23.62 -17.68
CA GLY D 236 2.16 22.93 -17.29
C GLY D 236 2.02 21.60 -16.61
N GLU D 237 0.83 21.23 -16.18
CA GLU D 237 0.56 19.86 -15.81
C GLU D 237 0.32 19.04 -17.07
N THR D 238 0.93 17.84 -17.12
CA THR D 238 0.89 16.98 -18.30
C THR D 238 0.56 15.56 -17.82
N LYS D 239 -0.50 14.95 -18.38
CA LYS D 239 -1.06 13.69 -17.89
C LYS D 239 -1.30 12.75 -19.05
N ILE D 240 -1.12 11.45 -18.81
CA ILE D 240 -1.18 10.45 -19.87
C ILE D 240 -2.04 9.26 -19.44
N ASP D 241 -2.55 8.57 -20.45
CA ASP D 241 -3.15 7.27 -20.31
C ASP D 241 -2.83 6.47 -21.56
N CYS D 242 -2.98 5.18 -21.43
CA CYS D 242 -2.59 4.29 -22.51
C CYS D 242 -3.45 3.03 -22.38
N VAL D 243 -3.63 2.35 -23.52
CA VAL D 243 -4.39 1.11 -23.60
C VAL D 243 -3.71 0.20 -24.61
N GLN D 244 -3.62 -1.09 -24.29
CA GLN D 244 -3.01 -2.08 -25.18
C GLN D 244 -3.91 -2.41 -26.35
N VAL D 245 -3.37 -2.28 -27.57
CA VAL D 245 -4.19 -2.49 -28.74
C VAL D 245 -3.90 -3.83 -29.40
N ALA D 246 -2.71 -4.40 -29.18
CA ALA D 246 -2.41 -5.63 -29.89
C ALA D 246 -1.27 -6.37 -29.21
N THR D 247 -1.03 -7.61 -29.65
CA THR D 247 0.11 -8.42 -29.27
C THR D 247 0.70 -9.01 -30.56
N LYS D 248 2.01 -9.30 -30.54
CA LYS D 248 2.67 -10.09 -31.57
C LYS D 248 3.60 -11.09 -30.93
N GLY D 249 3.59 -12.31 -31.45
CA GLY D 249 4.35 -13.36 -30.83
C GLY D 249 5.57 -13.79 -31.61
N GLY D 250 6.49 -14.39 -30.86
CA GLY D 250 7.75 -14.80 -31.41
C GLY D 250 7.68 -16.22 -31.91
N THR D 251 8.78 -16.67 -32.46
CA THR D 251 8.81 -17.92 -33.17
C THR D 251 10.16 -18.62 -32.97
C1 NAG E . -23.96 -27.92 -13.04
C2 NAG E . -23.95 -29.26 -13.78
C3 NAG E . -23.66 -29.04 -15.25
C4 NAG E . -24.61 -28.01 -15.85
C5 NAG E . -24.62 -26.75 -14.97
C6 NAG E . -25.65 -25.74 -15.40
C7 NAG E . -23.20 -30.93 -12.12
C8 NAG E . -22.09 -31.83 -11.72
N2 NAG E . -22.99 -30.19 -13.21
O3 NAG E . -23.74 -30.26 -15.96
O4 NAG E . -23.97 -27.67 -17.09
O5 NAG E . -24.92 -27.08 -13.61
O6 NAG E . -26.83 -26.38 -15.85
O7 NAG E . -24.24 -30.86 -11.47
C1 NAG E . -24.67 -27.46 -18.36
C2 NAG E . -25.46 -28.72 -18.75
C3 NAG E . -26.24 -28.48 -20.05
C4 NAG E . -26.96 -27.12 -20.10
C5 NAG E . -26.06 -26.00 -19.55
C6 NAG E . -26.78 -24.67 -19.40
C7 NAG E . -24.89 -31.10 -18.49
C8 NAG E . -23.85 -32.16 -18.73
N2 NAG E . -24.57 -29.86 -18.91
O3 NAG E . -27.21 -29.53 -20.15
O4 NAG E . -27.24 -26.75 -21.45
O5 NAG E . -25.55 -26.35 -18.26
O6 NAG E . -27.97 -24.76 -18.62
O7 NAG E . -25.95 -31.33 -17.93
C1 BMA E . -28.26 -27.42 -22.23
C2 BMA E . -28.42 -26.52 -23.51
C3 BMA E . -29.15 -27.24 -24.67
C4 BMA E . -28.74 -28.76 -24.84
C5 BMA E . -28.83 -29.50 -23.50
C6 BMA E . -28.39 -30.98 -23.60
O2 BMA E . -27.15 -26.06 -24.01
O3 BMA E . -28.95 -26.52 -25.89
O4 BMA E . -29.56 -29.43 -25.82
O5 BMA E . -27.98 -28.82 -22.54
O6 BMA E . -27.01 -31.06 -24.01
C1 FUC E . -27.91 -25.54 -15.39
C2 FUC E . -29.25 -26.16 -15.90
C3 FUC E . -29.73 -27.38 -15.04
C4 FUC E . -29.62 -27.09 -13.53
C5 FUC E . -28.22 -26.59 -13.17
C6 FUC E . -28.05 -26.26 -11.67
O2 FUC E . -29.22 -26.46 -17.30
O3 FUC E . -31.12 -27.74 -15.35
O4 FUC E . -30.58 -26.11 -13.15
O5 FUC E . -27.84 -25.41 -13.97
C1 NAG F . 23.33 -9.99 30.39
C2 NAG F . 23.26 -10.32 31.87
C3 NAG F . 22.93 -9.06 32.66
C4 NAG F . 23.91 -7.94 32.34
C5 NAG F . 23.97 -7.76 30.82
C6 NAG F . 24.95 -6.72 30.36
C7 NAG F . 22.52 -12.67 32.11
C8 NAG F . 21.40 -13.57 32.53
N2 NAG F . 22.28 -11.35 32.15
O3 NAG F . 22.81 -9.28 34.06
O4 NAG F . 23.35 -6.78 32.97
O5 NAG F . 24.32 -8.99 30.17
O6 NAG F . 26.10 -6.73 31.18
O7 NAG F . 23.59 -13.12 31.73
C1 NAG F . 24.06 -5.88 33.91
C2 NAG F . 24.99 -6.56 34.93
C3 NAG F . 25.85 -5.51 35.68
C4 NAG F . 26.20 -4.26 34.88
C5 NAG F . 25.17 -3.92 33.79
C6 NAG F . 25.63 -2.98 32.73
C7 NAG F . 24.69 -8.13 36.81
C8 NAG F . 23.70 -8.81 37.71
N2 NAG F . 24.19 -7.32 35.88
O3 NAG F . 27.05 -6.14 36.10
O4 NAG F . 26.25 -3.16 35.79
O5 NAG F . 24.80 -5.10 33.09
O6 NAG F . 25.12 -3.43 31.48
O7 NAG F . 25.90 -8.30 36.93
C1 BMA F . 27.41 -2.98 36.68
C2 BMA F . 27.37 -1.52 37.33
C3 BMA F . 28.64 -1.25 38.14
C4 BMA F . 28.98 -2.41 39.14
C5 BMA F . 28.86 -3.81 38.46
C6 BMA F . 29.00 -4.98 39.43
O2 BMA F . 26.29 -1.31 38.23
O3 BMA F . 28.51 -0.03 38.85
O4 BMA F . 30.31 -2.24 39.65
O5 BMA F . 27.59 -3.94 37.75
O6 BMA F . 28.25 -4.73 40.63
C1 MAN F . 28.12 -5.99 41.36
C2 MAN F . 27.09 -5.78 42.60
C3 MAN F . 27.77 -5.70 44.02
C4 MAN F . 29.07 -6.53 44.12
C5 MAN F . 30.00 -6.06 42.96
C6 MAN F . 31.46 -6.55 43.07
O2 MAN F . 26.06 -6.81 42.70
O3 MAN F . 26.85 -6.05 45.08
O4 MAN F . 29.68 -6.34 45.40
O5 MAN F . 29.43 -6.55 41.72
O6 MAN F . 32.25 -5.81 42.12
C1 FUC F . 27.26 -6.48 30.33
C2 FUC F . 28.47 -6.35 31.29
C3 FUC F . 28.98 -7.74 31.79
C4 FUC F . 29.12 -8.81 30.64
C5 FUC F . 27.86 -8.82 29.71
C6 FUC F . 27.99 -9.75 28.44
O2 FUC F . 28.13 -5.54 32.39
O3 FUC F . 30.29 -7.59 32.40
O4 FUC F . 30.31 -8.61 29.89
O5 FUC F . 27.48 -7.49 29.28
C1 NAG G . 21.70 8.05 -31.16
C2 NAG G . 21.64 8.20 -32.68
C3 NAG G . 21.39 6.84 -33.32
C4 NAG G . 22.44 5.83 -32.87
C5 NAG G . 22.49 5.79 -31.35
C6 NAG G . 23.54 4.86 -30.77
C7 NAG G . 20.75 10.49 -32.98
C8 NAG G . 19.62 11.31 -33.52
N2 NAG G . 20.63 9.15 -33.12
O3 NAG G . 21.33 7.00 -34.73
O4 NAG G . 22.08 4.53 -33.35
O5 NAG G . 22.73 7.10 -30.82
O6 NAG G . 24.86 5.17 -31.17
O7 NAG G . 21.71 10.98 -32.42
C1 NAG G . 22.91 3.68 -34.25
C2 NAG G . 23.46 4.41 -35.51
C3 NAG G . 24.24 3.41 -36.38
C4 NAG G . 25.22 2.55 -35.59
C5 NAG G . 24.62 2.01 -34.29
C6 NAG G . 25.64 1.31 -33.42
C7 NAG G . 22.54 6.04 -37.14
C8 NAG G . 21.29 6.51 -37.85
N2 NAG G . 22.38 5.02 -36.27
O3 NAG G . 24.95 4.15 -37.38
O4 NAG G . 25.56 1.35 -36.31
O5 NAG G . 24.05 3.09 -33.51
O6 NAG G . 25.18 1.09 -32.10
O7 NAG G . 23.64 6.56 -37.33
C1 BMA G . 26.48 1.39 -37.44
C2 BMA G . 27.21 0.02 -37.54
C3 BMA G . 28.15 0.05 -38.78
C4 BMA G . 27.43 0.45 -40.08
C5 BMA G . 26.62 1.78 -39.90
C6 BMA G . 25.65 2.12 -41.06
O2 BMA G . 26.28 -1.10 -37.67
O3 BMA G . 28.87 -1.18 -38.99
O4 BMA G . 28.42 0.59 -41.11
O5 BMA G . 25.81 1.70 -38.67
O6 BMA G . 26.36 2.46 -42.27
C1 FUC G . 25.80 4.96 -30.08
C2 FUC G . 27.19 4.36 -30.58
C3 FUC G . 28.03 5.41 -31.36
C4 FUC G . 28.12 6.70 -30.51
C5 FUC G . 26.70 7.19 -30.10
C6 FUC G . 26.71 8.47 -29.24
O2 FUC G . 27.11 3.09 -31.25
O3 FUC G . 29.39 4.93 -31.65
O4 FUC G . 28.90 6.41 -29.33
O5 FUC G . 26.03 6.17 -29.35
C1 NAG H . 2.50 29.41 32.45
C2 NAG H . 1.57 30.46 33.07
C3 NAG H . 1.45 31.69 32.15
C4 NAG H . 2.81 32.22 31.72
C5 NAG H . 3.61 31.06 31.10
C6 NAG H . 5.00 31.41 30.63
C7 NAG H . -0.04 29.17 34.41
C8 NAG H . -1.46 28.70 34.52
N2 NAG H . 0.25 29.90 33.33
O3 NAG H . 0.70 32.70 32.83
O4 NAG H . 2.63 33.26 30.75
O5 NAG H . 3.74 30.02 32.07
O6 NAG H . 5.29 32.81 30.59
O7 NAG H . 0.80 28.89 35.25
C1 NAG H . 2.98 34.64 31.17
C2 NAG H . 2.40 35.71 30.18
C3 NAG H . 2.73 37.14 30.66
C4 NAG H . 2.39 37.34 32.13
C5 NAG H . 2.97 36.24 33.00
C6 NAG H . 2.54 36.34 34.46
C7 NAG H . 2.41 36.06 27.71
C8 NAG H . 3.10 35.70 26.42
N2 NAG H . 2.91 35.50 28.82
O3 NAG H . 2.00 38.08 29.88
O4 NAG H . 2.89 38.60 32.55
O5 NAG H . 2.54 34.96 32.53
O6 NAG H . 1.12 36.44 34.62
O7 NAG H . 1.43 36.81 27.74
C1 FUC H . 6.72 33.00 30.61
C2 FUC H . 7.04 34.47 30.18
C3 FUC H . 6.68 35.47 31.30
C4 FUC H . 7.33 35.04 32.66
C5 FUC H . 6.89 33.59 33.00
C6 FUC H . 7.46 33.04 34.32
O2 FUC H . 6.40 34.82 28.94
O3 FUC H . 7.09 36.82 30.96
O4 FUC H . 8.76 35.12 32.61
O5 FUC H . 7.25 32.67 31.92
C1 NAG I . -21.42 29.15 15.43
C2 NAG I . -21.45 30.48 16.17
C3 NAG I . -21.17 30.29 17.65
C4 NAG I . -22.12 29.26 18.26
C5 NAG I . -22.05 27.98 17.44
C6 NAG I . -22.98 26.88 17.94
C7 NAG I . -20.65 32.07 14.42
C8 NAG I . -19.60 33.10 14.10
N2 NAG I . -20.51 31.45 15.61
O3 NAG I . -21.32 31.57 18.24
O4 NAG I . -21.67 28.96 19.58
O5 NAG I . -22.36 28.22 16.06
O6 NAG I . -24.30 27.35 18.16
O7 NAG I . -21.54 31.79 13.63
C1 NAG I . -22.35 29.35 20.85
C2 NAG I . -22.60 30.88 21.06
C3 NAG I . -23.20 31.11 22.45
C4 NAG I . -24.44 30.24 22.70
C5 NAG I . -24.15 28.76 22.37
C6 NAG I . -25.36 27.86 22.52
C7 NAG I . -21.17 32.92 20.68
C8 NAG I . -19.76 33.43 20.68
N2 NAG I . -21.33 31.61 20.97
O3 NAG I . -23.60 32.47 22.56
O4 NAG I . -24.74 30.31 24.09
O5 NAG I . -23.64 28.63 21.02
O6 NAG I . -25.71 27.63 23.88
O7 NAG I . -22.12 33.64 20.37
C1 BMA I . -25.64 31.35 24.59
C2 BMA I . -26.53 30.68 25.65
C3 BMA I . -27.61 31.71 26.17
C4 BMA I . -26.99 33.12 26.59
C5 BMA I . -26.00 33.63 25.52
C6 BMA I . -25.30 34.91 25.96
O2 BMA I . -25.73 30.23 26.76
O3 BMA I . -28.50 31.17 27.18
O4 BMA I . -28.01 34.14 26.82
O5 BMA I . -25.01 32.56 25.18
O6 BMA I . -26.31 35.88 26.30
C1 FUC I . -25.27 26.56 17.44
C2 FUC I . -26.63 27.02 17.97
C3 FUC I . -27.11 28.35 17.27
C4 FUC I . -27.05 28.21 15.75
C5 FUC I . -25.61 27.95 15.39
C6 FUC I . -25.37 27.90 13.87
O2 FUC I . -26.60 27.13 19.41
O3 FUC I . -28.48 28.65 17.61
O4 FUC I . -27.90 27.12 15.34
O5 FUC I . -25.16 26.68 15.99
C1 NAG J . -1.92 -3.93 -43.86
C2 NAG J . -1.17 -3.92 -45.21
C3 NAG J . -0.85 -2.51 -45.66
C4 NAG J . -2.08 -1.61 -45.58
C5 NAG J . -2.66 -1.71 -44.18
C6 NAG J . -3.89 -0.85 -43.99
C7 NAG J . 0.07 -6.02 -45.34
C8 NAG J . 1.41 -6.67 -45.23
N2 NAG J . 0.04 -4.71 -45.13
O3 NAG J . -0.36 -2.53 -47.00
O4 NAG J . -1.70 -0.26 -45.80
O5 NAG J . -3.05 -3.06 -43.93
O6 NAG J . -4.83 -1.09 -45.03
O7 NAG J . -0.95 -6.65 -45.58
C1 NAG J . -2.31 0.25 -47.01
C2 NAG J . -2.08 1.75 -47.06
C3 NAG J . -2.84 2.32 -48.26
C4 NAG J . -2.27 1.71 -49.54
C5 NAG J . -2.23 0.17 -49.50
C6 NAG J . -1.31 -0.42 -50.54
C7 NAG J . -1.57 2.56 -44.80
C8 NAG J . -2.11 3.25 -43.57
N2 NAG J . -2.43 2.41 -45.82
O3 NAG J . -2.74 3.74 -48.34
O4 NAG J . -3.02 2.16 -50.67
O5 NAG J . -1.78 -0.37 -48.23
O6 NAG J . 0.03 -0.54 -50.08
O7 NAG J . -0.42 2.15 -44.85
C1 FUC J . -6.05 -1.33 -44.32
C2 FUC J . -7.22 -0.91 -45.29
C3 FUC J . -7.38 -1.93 -46.45
C4 FUC J . -7.51 -3.36 -45.86
C5 FUC J . -6.28 -3.70 -44.92
C6 FUC J . -6.35 -5.07 -44.24
O2 FUC J . -7.06 0.43 -45.77
O3 FUC J . -8.57 -1.65 -47.23
O4 FUC J . -8.78 -3.47 -45.20
O5 FUC J . -6.11 -2.70 -43.88
C1 NAG K . -1.55 -29.94 -32.66
C2 NAG K . -2.31 -31.01 -33.46
C3 NAG K . -2.40 -32.30 -32.65
C4 NAG K . -1.00 -32.82 -32.32
C5 NAG K . -0.22 -31.79 -31.50
C6 NAG K . 1.22 -32.19 -31.25
C7 NAG K . -3.86 -29.75 -34.92
C8 NAG K . -5.30 -29.38 -35.18
N2 NAG K . -3.62 -30.54 -33.86
O3 NAG K . -3.08 -33.31 -33.39
O4 NAG K . -1.11 -34.03 -31.57
O5 NAG K . -0.21 -30.51 -32.18
O6 NAG K . 2.11 -31.92 -32.33
O7 NAG K . -2.95 -29.32 -35.63
#